data_6G3X
#
_entry.id   6G3X
#
_cell.length_a   80.769
_cell.length_b   81.213
_cell.length_c   167.531
_cell.angle_alpha   90.00
_cell.angle_beta   90.00
_cell.angle_gamma   90.00
#
_symmetry.space_group_name_H-M   'P 21 21 21'
#
loop_
_entity.id
_entity.type
_entity.pdbx_description
1 polymer 'N-glycosylase/DNA lyase'
2 non-polymer 'NICKEL (II) ION'
3 water water
#
_entity_poly.entity_id   1
_entity_poly.type   'polypeptide(L)'
_entity_poly.pdbx_seq_one_letter_code
;GSHMRHRTLSSSPALWASIPCPRSELRLDLVLASGQSFRWKEQSPAHWSGVLADQVWTLTQTEDQLYCTVYRGDDSQVSR
PTLEELETLHKYFQLDVSLAQLYSHWASVDSHFQRVAQKFQGVRLLRQDPTECLFSFICSSNNNIARITGMVERLCQAFG
PRLIQLDDVTYHGFPNLHALAGPEAETHLRKLGLGYRARYVRASAKAILEEQGGPAWLQQLRVAPYEEAHKALCTLPGVG
AKVADCICLMALDKPQAVPVDVHVWQIAHRDYGWHPKTSQAKGPSPLANKELGNFFRNLWGPYAGWAQAVLFSADLRQ
;
_entity_poly.pdbx_strand_id   A,B,C
#
loop_
_chem_comp.id
_chem_comp.type
_chem_comp.name
_chem_comp.formula
NI non-polymer 'NICKEL (II) ION' 'Ni 2'
#
# COMPACT_ATOMS: atom_id res chain seq x y z
N HIS A 3 43.22 13.67 -19.62
CA HIS A 3 42.02 13.36 -18.81
C HIS A 3 40.75 13.52 -19.65
N MET A 4 40.25 12.42 -20.20
CA MET A 4 39.03 12.44 -21.03
C MET A 4 37.78 12.48 -20.16
N ARG A 5 36.76 13.17 -20.65
CA ARG A 5 35.56 13.45 -19.85
C ARG A 5 34.28 12.81 -20.41
N HIS A 6 33.33 12.54 -19.51
CA HIS A 6 31.99 12.11 -19.92
C HIS A 6 31.37 13.25 -20.71
N ARG A 7 30.64 12.92 -21.78
CA ARG A 7 30.01 13.94 -22.60
C ARG A 7 28.60 14.27 -22.09
N THR A 8 28.15 15.48 -22.39
CA THR A 8 26.75 15.85 -22.31
C THR A 8 26.34 16.34 -23.69
N LEU A 9 25.03 16.39 -23.93
CA LEU A 9 24.49 16.70 -25.23
C LEU A 9 24.78 18.17 -25.59
N SER A 10 24.85 19.03 -24.57
CA SER A 10 25.16 20.45 -24.76
C SER A 10 26.68 20.69 -24.87
N SER A 11 27.47 19.97 -24.06
CA SER A 11 28.93 20.16 -24.05
C SER A 11 29.70 19.57 -25.24
N SER A 12 29.04 18.81 -26.13
CA SER A 12 29.71 18.28 -27.33
C SER A 12 28.74 17.77 -28.41
N PRO A 13 27.82 18.64 -28.89
CA PRO A 13 26.72 18.22 -29.76
C PRO A 13 27.15 17.49 -31.02
N ALA A 14 28.33 17.85 -31.53
CA ALA A 14 28.87 17.25 -32.74
C ALA A 14 29.16 15.74 -32.63
N LEU A 15 29.19 15.18 -31.42
CA LEU A 15 29.55 13.77 -31.25
C LEU A 15 28.36 12.84 -30.94
N TRP A 16 27.14 13.34 -31.12
CA TRP A 16 25.94 12.58 -30.81
C TRP A 16 25.17 12.22 -32.06
N ALA A 17 24.50 11.07 -32.02
CA ALA A 17 23.63 10.63 -33.10
C ALA A 17 22.31 10.10 -32.52
N SER A 18 21.23 10.37 -33.24
CA SER A 18 19.88 10.15 -32.74
C SER A 18 19.27 8.86 -33.30
N ILE A 19 18.41 8.26 -32.49
CA ILE A 19 17.54 7.17 -32.92
C ILE A 19 16.14 7.64 -32.60
N PRO A 20 15.26 7.70 -33.61
CA PRO A 20 13.88 8.10 -33.31
C PRO A 20 13.25 7.11 -32.34
N CYS A 21 12.68 7.63 -31.25
CA CYS A 21 12.15 6.77 -30.21
C CYS A 21 11.34 7.61 -29.24
N PRO A 22 10.00 7.43 -29.24
CA PRO A 22 9.22 8.18 -28.25
C PRO A 22 9.54 7.68 -26.86
N ARG A 23 9.38 8.56 -25.89
CA ARG A 23 9.68 8.26 -24.49
C ARG A 23 8.70 7.24 -23.91
N SER A 24 7.49 7.19 -24.48
CA SER A 24 6.51 6.15 -24.12
C SER A 24 6.98 4.74 -24.51
N GLU A 25 7.87 4.64 -25.49
CA GLU A 25 8.51 3.37 -25.87
C GLU A 25 9.78 3.05 -25.08
N LEU A 26 10.43 4.05 -24.50
CA LEU A 26 11.65 3.82 -23.72
C LEU A 26 11.94 4.96 -22.77
N ARG A 27 11.84 4.67 -21.47
CA ARG A 27 12.34 5.56 -20.42
C ARG A 27 13.67 5.02 -19.89
N LEU A 28 14.76 5.72 -20.21
CA LEU A 28 16.11 5.32 -19.76
C LEU A 28 16.22 5.25 -18.24
N ASP A 29 15.66 6.24 -17.55
CA ASP A 29 15.69 6.26 -16.09
C ASP A 29 14.97 5.07 -15.42
N LEU A 30 14.04 4.44 -16.14
CA LEU A 30 13.33 3.26 -15.63
C LEU A 30 13.98 1.94 -16.05
N VAL A 31 14.65 1.95 -17.21
CA VAL A 31 15.21 0.74 -17.80
C VAL A 31 16.68 0.55 -17.44
N LEU A 32 17.48 1.60 -17.61
CA LEU A 32 18.92 1.51 -17.34
C LEU A 32 19.24 1.56 -15.86
N ALA A 33 18.24 1.90 -15.05
CA ALA A 33 18.41 1.91 -13.61
C ALA A 33 18.74 0.50 -13.20
N SER A 34 19.65 0.36 -12.22
CA SER A 34 20.14 -0.96 -11.80
C SER A 34 18.97 -1.90 -11.56
N GLY A 35 19.04 -3.10 -12.10
CA GLY A 35 17.97 -4.07 -11.92
C GLY A 35 17.98 -5.13 -13.00
N GLN A 36 17.98 -4.67 -14.25
CA GLN A 36 18.18 -5.55 -15.39
C GLN A 36 19.68 -5.65 -15.62
N SER A 37 20.29 -4.50 -15.89
CA SER A 37 21.73 -4.37 -16.01
C SER A 37 22.23 -3.71 -14.72
N PHE A 38 23.49 -3.94 -14.36
CA PHE A 38 24.06 -3.33 -13.16
C PHE A 38 25.21 -2.41 -13.50
N ARG A 39 25.27 -2.01 -14.77
CA ARG A 39 26.43 -1.35 -15.35
C ARG A 39 26.17 0.06 -15.92
N TRP A 40 24.97 0.59 -15.76
CA TRP A 40 24.70 1.94 -16.28
C TRP A 40 24.63 2.90 -15.11
N LYS A 41 25.22 4.08 -15.25
CA LYS A 41 25.13 5.12 -14.19
C LYS A 41 24.86 6.50 -14.74
N GLU A 42 23.98 7.23 -14.06
CA GLU A 42 23.65 8.60 -14.46
C GLU A 42 24.75 9.55 -13.95
N GLN A 43 25.84 9.66 -14.71
CA GLN A 43 27.01 10.43 -14.27
C GLN A 43 26.77 11.94 -14.25
N SER A 44 25.88 12.41 -15.13
CA SER A 44 25.29 13.75 -15.01
C SER A 44 23.81 13.65 -15.34
N PRO A 45 22.99 14.60 -14.86
CA PRO A 45 21.53 14.46 -14.96
C PRO A 45 21.04 14.12 -16.36
N ALA A 46 20.19 13.10 -16.43
CA ALA A 46 19.61 12.60 -17.68
C ALA A 46 20.61 11.98 -18.66
N HIS A 47 21.86 11.80 -18.24
CA HIS A 47 22.88 11.19 -19.11
C HIS A 47 23.41 9.89 -18.50
N TRP A 48 23.08 8.78 -19.14
CA TRP A 48 23.43 7.44 -18.64
C TRP A 48 24.63 6.92 -19.37
N SER A 49 25.68 6.61 -18.63
CA SER A 49 26.91 6.08 -19.20
C SER A 49 27.14 4.64 -18.71
N GLY A 50 27.58 3.79 -19.62
CA GLY A 50 27.77 2.38 -19.30
C GLY A 50 28.47 1.68 -20.43
N VAL A 51 28.79 0.40 -20.23
CA VAL A 51 29.53 -0.40 -21.19
C VAL A 51 28.58 -1.34 -21.94
N LEU A 52 28.75 -1.40 -23.25
CA LEU A 52 28.15 -2.44 -24.07
C LEU A 52 29.24 -3.17 -24.82
N ALA A 53 29.30 -4.49 -24.62
CA ALA A 53 30.35 -5.32 -25.20
C ALA A 53 31.72 -4.78 -24.78
N ASP A 54 32.42 -4.10 -25.69
CA ASP A 54 33.71 -3.47 -25.36
C ASP A 54 33.74 -1.98 -25.69
N GLN A 55 32.56 -1.34 -25.72
CA GLN A 55 32.48 0.10 -25.93
C GLN A 55 31.77 0.74 -24.77
N VAL A 56 32.15 1.96 -24.45
CA VAL A 56 31.42 2.76 -23.48
C VAL A 56 30.49 3.68 -24.26
N TRP A 57 29.28 3.87 -23.73
CA TRP A 57 28.30 4.77 -24.32
C TRP A 57 27.82 5.75 -23.26
N THR A 58 27.40 6.92 -23.72
CA THR A 58 26.52 7.78 -22.93
C THR A 58 25.24 7.99 -23.73
N LEU A 59 24.11 7.88 -23.05
CA LEU A 59 22.81 7.95 -23.69
C LEU A 59 21.93 8.96 -22.97
N THR A 60 21.14 9.70 -23.74
CA THR A 60 20.18 10.66 -23.18
C THR A 60 19.03 10.76 -24.17
N GLN A 61 17.92 11.35 -23.77
CA GLN A 61 16.74 11.39 -24.61
C GLN A 61 15.87 12.63 -24.44
N THR A 62 15.14 12.96 -25.50
CA THR A 62 14.06 13.94 -25.46
C THR A 62 12.76 13.14 -25.39
N GLU A 63 11.63 13.77 -25.70
CA GLU A 63 10.36 13.06 -25.77
C GLU A 63 10.29 12.17 -27.01
N ASP A 64 11.02 12.54 -28.07
CA ASP A 64 10.94 11.88 -29.38
C ASP A 64 12.22 11.16 -29.83
N GLN A 65 13.35 11.46 -29.21
CA GLN A 65 14.64 10.98 -29.71
C GLN A 65 15.49 10.38 -28.61
N LEU A 66 16.17 9.29 -28.96
CA LEU A 66 17.26 8.74 -28.17
C LEU A 66 18.59 9.23 -28.74
N TYR A 67 19.32 10.04 -27.96
CA TYR A 67 20.61 10.57 -28.38
C TYR A 67 21.77 9.75 -27.82
N CYS A 68 22.71 9.40 -28.68
CA CYS A 68 23.74 8.42 -28.35
C CYS A 68 25.11 8.93 -28.70
N THR A 69 26.06 8.66 -27.81
CA THR A 69 27.45 8.91 -28.12
C THR A 69 28.29 7.76 -27.59
N VAL A 70 29.30 7.39 -28.37
CA VAL A 70 30.13 6.24 -28.07
C VAL A 70 31.60 6.69 -27.98
N TYR A 71 32.29 6.10 -27.01
CA TYR A 71 33.71 6.36 -26.79
C TYR A 71 34.45 5.11 -27.22
N ARG A 72 35.23 5.21 -28.30
CA ARG A 72 35.89 4.04 -28.87
C ARG A 72 37.25 3.75 -28.21
N GLY A 73 37.76 4.70 -27.45
CA GLY A 73 39.05 4.58 -26.80
C GLY A 73 39.92 5.74 -27.22
N ASP A 74 41.22 5.61 -26.98
CA ASP A 74 42.18 6.62 -27.42
C ASP A 74 42.63 6.33 -28.85
N ASP A 75 42.20 5.19 -29.40
CA ASP A 75 42.60 4.74 -30.72
C ASP A 75 42.08 5.67 -31.81
N SER A 76 40.77 5.63 -32.06
CA SER A 76 40.18 6.35 -33.18
C SER A 76 40.10 7.85 -32.89
N GLN A 77 40.05 8.64 -33.96
CA GLN A 77 39.71 10.05 -33.83
C GLN A 77 38.25 10.14 -33.40
N VAL A 78 37.96 11.05 -32.48
CA VAL A 78 36.64 11.15 -31.87
C VAL A 78 35.59 11.51 -32.93
N SER A 79 34.48 10.77 -32.94
CA SER A 79 33.42 10.97 -33.93
C SER A 79 32.06 10.40 -33.53
N ARG A 80 31.05 10.77 -34.32
CA ARG A 80 29.67 10.29 -34.16
C ARG A 80 29.52 8.78 -34.31
N PRO A 81 28.55 8.20 -33.59
CA PRO A 81 28.28 6.77 -33.77
C PRO A 81 27.96 6.42 -35.22
N THR A 82 28.50 5.31 -35.72
CA THR A 82 28.16 4.81 -37.05
C THR A 82 26.80 4.12 -37.05
N LEU A 83 26.31 3.82 -38.25
CA LEU A 83 25.06 3.12 -38.44
C LEU A 83 25.04 1.79 -37.67
N GLU A 84 26.09 1.00 -37.88
CA GLU A 84 26.19 -0.32 -37.29
C GLU A 84 26.22 -0.26 -35.76
N GLU A 85 26.95 0.72 -35.22
CA GLU A 85 26.96 0.94 -33.77
C GLU A 85 25.56 1.31 -33.27
N LEU A 86 24.82 2.13 -34.02
CA LEU A 86 23.44 2.45 -33.66
C LEU A 86 22.52 1.22 -33.75
N GLU A 87 22.76 0.37 -34.74
CA GLU A 87 21.98 -0.85 -34.90
C GLU A 87 22.17 -1.79 -33.70
N THR A 88 23.34 -1.71 -33.07
CA THR A 88 23.62 -2.42 -31.81
C THR A 88 22.72 -1.95 -30.67
N LEU A 89 22.55 -0.63 -30.54
CA LEU A 89 21.70 -0.06 -29.50
C LEU A 89 20.25 -0.40 -29.75
N HIS A 90 19.86 -0.37 -31.02
CA HIS A 90 18.52 -0.70 -31.46
C HIS A 90 18.17 -2.14 -31.04
N LYS A 91 19.13 -3.04 -31.25
CA LYS A 91 19.02 -4.44 -30.84
C LYS A 91 19.04 -4.58 -29.31
N TYR A 92 19.98 -3.90 -28.66
CA TYR A 92 20.05 -3.86 -27.18
C TYR A 92 18.74 -3.45 -26.53
N PHE A 93 18.07 -2.45 -27.08
CA PHE A 93 16.79 -2.00 -26.52
C PHE A 93 15.59 -2.71 -27.15
N GLN A 94 15.86 -3.65 -28.08
CA GLN A 94 14.80 -4.43 -28.71
C GLN A 94 13.70 -3.52 -29.23
N LEU A 95 14.08 -2.50 -30.00
CA LEU A 95 13.16 -1.45 -30.45
C LEU A 95 12.14 -1.91 -31.52
N ASP A 96 12.37 -3.07 -32.15
CA ASP A 96 11.36 -3.69 -33.02
C ASP A 96 10.08 -4.03 -32.26
N VAL A 97 10.19 -4.26 -30.96
CA VAL A 97 9.04 -4.59 -30.14
C VAL A 97 8.30 -3.33 -29.75
N SER A 98 7.04 -3.25 -30.16
CA SER A 98 6.18 -2.13 -29.79
C SER A 98 5.63 -2.36 -28.40
N LEU A 99 6.00 -1.46 -27.50
CA LEU A 99 5.55 -1.49 -26.12
C LEU A 99 4.12 -0.97 -25.97
N ALA A 100 3.73 0.00 -26.80
CA ALA A 100 2.38 0.57 -26.71
C ALA A 100 1.34 -0.54 -26.86
N GLN A 101 1.56 -1.39 -27.87
CA GLN A 101 0.67 -2.52 -28.14
C GLN A 101 0.67 -3.52 -27.01
N LEU A 102 1.84 -3.83 -26.45
CA LEU A 102 1.91 -4.77 -25.33
C LEU A 102 1.16 -4.26 -24.10
N TYR A 103 1.44 -3.00 -23.73
CA TYR A 103 0.78 -2.35 -22.58
C TYR A 103 -0.75 -2.43 -22.73
N SER A 104 -1.23 -2.06 -23.91
CA SER A 104 -2.65 -2.13 -24.22
C SER A 104 -3.20 -3.54 -23.98
N HIS A 105 -2.52 -4.55 -24.47
CA HIS A 105 -2.96 -5.94 -24.30
C HIS A 105 -2.97 -6.39 -22.83
N TRP A 106 -1.95 -6.00 -22.07
CA TRP A 106 -1.84 -6.39 -20.66
C TRP A 106 -2.90 -5.71 -19.81
N ALA A 107 -3.11 -4.42 -20.03
CA ALA A 107 -4.15 -3.70 -19.29
C ALA A 107 -5.54 -4.27 -19.59
N SER A 108 -5.77 -4.78 -20.80
CA SER A 108 -7.09 -5.26 -21.21
C SER A 108 -7.60 -6.42 -20.34
N VAL A 109 -6.68 -7.26 -19.85
CA VAL A 109 -7.08 -8.34 -18.95
C VAL A 109 -6.58 -8.17 -17.52
N ASP A 110 -5.79 -7.13 -17.28
CA ASP A 110 -5.24 -6.92 -15.94
C ASP A 110 -5.55 -5.51 -15.49
N SER A 111 -6.61 -5.39 -14.70
CA SER A 111 -7.06 -4.14 -14.11
C SER A 111 -5.99 -3.40 -13.30
N HIS A 112 -5.18 -4.14 -12.57
CA HIS A 112 -4.15 -3.56 -11.70
C HIS A 112 -2.97 -2.99 -12.52
N PHE A 113 -2.57 -3.72 -13.54
CA PHE A 113 -1.54 -3.26 -14.47
C PHE A 113 -1.92 -1.92 -15.09
N GLN A 114 -3.19 -1.78 -15.47
CA GLN A 114 -3.69 -0.55 -16.06
C GLN A 114 -3.41 0.67 -15.15
N ARG A 115 -3.81 0.58 -13.88
CA ARG A 115 -3.54 1.66 -12.92
C ARG A 115 -2.04 1.94 -12.82
N VAL A 116 -1.29 0.89 -12.57
CA VAL A 116 0.16 0.99 -12.33
C VAL A 116 0.94 1.54 -13.53
N ALA A 117 0.63 1.02 -14.72
CA ALA A 117 1.40 1.33 -15.94
C ALA A 117 1.27 2.77 -16.44
N GLN A 118 0.19 3.46 -16.08
CA GLN A 118 0.02 4.87 -16.46
C GLN A 118 1.24 5.69 -16.06
N LYS A 119 1.62 5.60 -14.79
CA LYS A 119 2.78 6.33 -14.30
C LYS A 119 4.13 5.82 -14.86
N PHE A 120 4.21 4.54 -15.20
CA PHE A 120 5.48 3.92 -15.57
C PHE A 120 5.48 3.35 -16.98
N GLN A 121 5.38 4.25 -17.95
CA GLN A 121 5.48 3.88 -19.37
C GLN A 121 6.94 3.74 -19.78
N GLY A 122 7.17 3.07 -20.89
CA GLY A 122 8.50 2.97 -21.48
C GLY A 122 9.47 2.03 -20.79
N VAL A 123 8.95 1.08 -20.01
CA VAL A 123 9.77 0.05 -19.38
C VAL A 123 9.80 -1.17 -20.32
N ARG A 124 10.97 -1.43 -20.89
CA ARG A 124 11.19 -2.58 -21.76
C ARG A 124 12.36 -3.41 -21.25
N LEU A 125 12.58 -4.56 -21.87
CA LEU A 125 13.70 -5.45 -21.54
C LEU A 125 14.87 -5.20 -22.43
N LEU A 126 16.02 -5.04 -21.81
CA LEU A 126 17.27 -5.00 -22.54
C LEU A 126 17.52 -6.41 -23.05
N ARG A 127 18.20 -6.52 -24.19
CA ARG A 127 18.71 -7.79 -24.65
C ARG A 127 20.20 -7.84 -24.30
N GLN A 128 20.52 -8.52 -23.22
CA GLN A 128 21.86 -8.52 -22.66
C GLN A 128 22.70 -9.71 -23.11
N ASP A 129 24.01 -9.55 -23.01
CA ASP A 129 24.94 -10.63 -23.24
C ASP A 129 24.72 -11.74 -22.20
N PRO A 130 24.62 -13.01 -22.66
CA PRO A 130 24.38 -14.12 -21.75
C PRO A 130 25.42 -14.28 -20.64
N THR A 131 26.71 -14.09 -20.94
CA THR A 131 27.77 -14.27 -19.94
C THR A 131 27.59 -13.23 -18.81
N GLU A 132 27.52 -11.97 -19.20
CA GLU A 132 27.35 -10.90 -18.24
C GLU A 132 26.12 -11.15 -17.39
N CYS A 133 25.04 -11.50 -18.06
CA CYS A 133 23.78 -11.74 -17.40
C CYS A 133 23.87 -12.91 -16.39
N LEU A 134 24.47 -14.01 -16.81
CA LEU A 134 24.63 -15.19 -15.95
C LEU A 134 25.34 -14.87 -14.65
N PHE A 135 26.50 -14.24 -14.76
CA PHE A 135 27.33 -13.96 -13.57
C PHE A 135 26.79 -12.79 -12.74
N SER A 136 26.13 -11.83 -13.37
CA SER A 136 25.46 -10.78 -12.63
C SER A 136 24.35 -11.36 -11.74
N PHE A 137 23.56 -12.29 -12.30
CA PHE A 137 22.44 -12.82 -11.54
C PHE A 137 22.80 -13.93 -10.56
N ILE A 138 23.92 -14.63 -10.77
CA ILE A 138 24.50 -15.47 -9.71
C ILE A 138 24.78 -14.60 -8.47
N CYS A 139 25.27 -13.38 -8.68
CA CYS A 139 25.47 -12.42 -7.58
C CYS A 139 24.17 -11.90 -6.92
N SER A 140 23.02 -12.17 -7.53
CA SER A 140 21.76 -11.57 -7.08
C SER A 140 21.07 -12.38 -5.99
N SER A 141 21.52 -13.59 -5.71
CA SER A 141 20.84 -14.39 -4.68
C SER A 141 20.92 -13.69 -3.33
N ASN A 142 19.80 -13.67 -2.60
CA ASN A 142 19.72 -13.07 -1.26
C ASN A 142 20.47 -11.74 -1.19
N ASN A 143 20.27 -10.89 -2.19
CA ASN A 143 21.06 -9.68 -2.36
C ASN A 143 20.17 -8.52 -2.81
N ASN A 144 20.61 -7.28 -2.56
CA ASN A 144 19.86 -6.11 -3.04
C ASN A 144 20.61 -5.44 -4.20
N ILE A 145 19.88 -4.62 -4.94
CA ILE A 145 20.38 -4.02 -6.17
C ILE A 145 21.64 -3.20 -5.94
N ALA A 146 21.67 -2.39 -4.88
CA ALA A 146 22.84 -1.57 -4.59
C ALA A 146 24.06 -2.45 -4.39
N ARG A 147 23.87 -3.52 -3.62
CA ARG A 147 24.95 -4.44 -3.31
C ARG A 147 25.40 -5.25 -4.54
N ILE A 148 24.45 -5.70 -5.37
CA ILE A 148 24.81 -6.42 -6.60
C ILE A 148 25.67 -5.53 -7.52
N THR A 149 25.26 -4.27 -7.67
CA THR A 149 25.98 -3.30 -8.49
C THR A 149 27.45 -3.15 -8.09
N GLY A 150 27.69 -3.06 -6.78
CA GLY A 150 29.07 -3.05 -6.27
C GLY A 150 29.84 -4.32 -6.56
N MET A 151 29.24 -5.47 -6.26
CA MET A 151 29.87 -6.76 -6.60
C MET A 151 30.24 -6.88 -8.07
N VAL A 152 29.30 -6.52 -8.94
CA VAL A 152 29.54 -6.62 -10.38
C VAL A 152 30.65 -5.67 -10.81
N GLU A 153 30.62 -4.42 -10.32
CA GLU A 153 31.64 -3.45 -10.74
C GLU A 153 33.03 -3.90 -10.30
N ARG A 154 33.17 -4.28 -9.04
CA ARG A 154 34.45 -4.73 -8.48
C ARG A 154 34.94 -5.97 -9.22
N LEU A 155 34.00 -6.84 -9.60
CA LEU A 155 34.33 -8.04 -10.37
C LEU A 155 34.88 -7.66 -11.74
N CYS A 156 34.23 -6.72 -12.40
CA CYS A 156 34.71 -6.27 -13.71
C CYS A 156 36.06 -5.58 -13.61
N GLN A 157 36.22 -4.72 -12.59
CA GLN A 157 37.50 -4.02 -12.37
C GLN A 157 38.67 -4.98 -12.17
N ALA A 158 38.46 -6.07 -11.43
CA ALA A 158 39.54 -7.02 -11.14
C ALA A 158 39.82 -8.01 -12.28
N PHE A 159 38.79 -8.37 -13.05
CA PHE A 159 38.94 -9.48 -14.00
C PHE A 159 38.80 -9.10 -15.48
N GLY A 160 38.02 -8.06 -15.77
CA GLY A 160 37.75 -7.70 -17.17
C GLY A 160 38.74 -6.68 -17.72
N PRO A 161 38.84 -6.56 -19.06
CA PRO A 161 39.79 -5.62 -19.66
C PRO A 161 39.40 -4.14 -19.44
N ARG A 162 40.40 -3.29 -19.22
CA ARG A 162 40.18 -1.85 -19.17
C ARG A 162 39.82 -1.37 -20.57
N LEU A 163 38.81 -0.52 -20.67
CA LEU A 163 38.40 0.03 -21.95
C LEU A 163 38.85 1.50 -22.06
N ILE A 164 38.46 2.30 -21.08
CA ILE A 164 38.70 3.74 -21.11
C ILE A 164 38.48 4.29 -19.72
N GLN A 165 39.00 5.48 -19.46
CA GLN A 165 38.66 6.22 -18.26
C GLN A 165 38.03 7.58 -18.61
N LEU A 166 36.90 7.87 -17.97
CA LEU A 166 36.19 9.13 -18.15
C LEU A 166 36.04 9.77 -16.78
N ASP A 167 36.55 10.98 -16.64
CA ASP A 167 36.66 11.64 -15.32
C ASP A 167 37.28 10.64 -14.31
N ASP A 168 36.64 10.39 -13.17
CA ASP A 168 37.18 9.42 -12.19
C ASP A 168 36.70 7.99 -12.39
N VAL A 169 36.04 7.68 -13.50
CA VAL A 169 35.49 6.33 -13.73
C VAL A 169 36.35 5.57 -14.75
N THR A 170 36.92 4.45 -14.35
CA THR A 170 37.62 3.55 -15.28
C THR A 170 36.62 2.47 -15.69
N TYR A 171 36.42 2.33 -17.00
CA TYR A 171 35.43 1.39 -17.53
C TYR A 171 36.09 0.08 -17.93
N HIS A 172 35.55 -1.02 -17.43
CA HIS A 172 36.03 -2.36 -17.78
C HIS A 172 34.98 -3.15 -18.55
N GLY A 173 35.43 -3.98 -19.48
CA GLY A 173 34.57 -4.95 -20.13
C GLY A 173 34.22 -6.08 -19.17
N PHE A 174 33.11 -6.77 -19.41
CA PHE A 174 32.80 -7.93 -18.57
C PHE A 174 33.79 -9.05 -18.88
N PRO A 175 34.28 -9.76 -17.84
CA PRO A 175 35.30 -10.80 -18.11
C PRO A 175 34.76 -12.02 -18.84
N ASN A 176 35.65 -12.72 -19.53
CA ASN A 176 35.31 -13.98 -20.18
C ASN A 176 35.34 -15.11 -19.17
N LEU A 177 34.83 -16.26 -19.59
CA LEU A 177 34.71 -17.42 -18.73
C LEU A 177 36.04 -17.85 -18.17
N HIS A 178 37.06 -17.87 -19.00
CA HIS A 178 38.38 -18.36 -18.58
C HIS A 178 38.93 -17.55 -17.40
N ALA A 179 38.75 -16.24 -17.45
CA ALA A 179 39.19 -15.35 -16.38
C ALA A 179 38.54 -15.67 -15.02
N LEU A 180 37.30 -16.16 -15.04
CA LEU A 180 36.54 -16.40 -13.82
C LEU A 180 36.72 -17.82 -13.27
N ALA A 181 37.34 -18.69 -14.07
CA ALA A 181 37.40 -20.12 -13.80
C ALA A 181 38.71 -20.57 -13.14
N GLY A 182 39.68 -19.66 -13.00
CA GLY A 182 41.01 -20.04 -12.53
C GLY A 182 41.10 -20.40 -11.06
N PRO A 183 42.24 -20.98 -10.64
CA PRO A 183 42.42 -21.51 -9.30
C PRO A 183 42.35 -20.46 -8.19
N GLU A 184 42.57 -19.19 -8.52
CA GLU A 184 42.54 -18.13 -7.51
C GLU A 184 41.21 -17.36 -7.46
N ALA A 185 40.35 -17.60 -8.45
CA ALA A 185 39.22 -16.73 -8.73
C ALA A 185 38.32 -16.58 -7.52
N GLU A 186 37.93 -17.70 -6.93
CA GLU A 186 37.03 -17.69 -5.77
C GLU A 186 37.61 -16.91 -4.60
N THR A 187 38.88 -17.15 -4.32
CA THR A 187 39.58 -16.43 -3.24
C THR A 187 39.55 -14.93 -3.49
N HIS A 188 39.88 -14.53 -4.70
CA HIS A 188 39.86 -13.11 -5.10
C HIS A 188 38.46 -12.53 -4.94
N LEU A 189 37.49 -13.24 -5.50
CA LEU A 189 36.10 -12.78 -5.47
C LEU A 189 35.58 -12.64 -4.05
N ARG A 190 36.07 -13.48 -3.13
CA ARG A 190 35.71 -13.34 -1.71
C ARG A 190 36.26 -12.04 -1.11
N LYS A 191 37.47 -11.67 -1.49
CA LYS A 191 38.03 -10.37 -1.09
C LYS A 191 37.19 -9.20 -1.61
N LEU A 192 36.52 -9.38 -2.74
CA LEU A 192 35.64 -8.34 -3.29
C LEU A 192 34.27 -8.33 -2.63
N GLY A 193 34.03 -9.30 -1.75
CA GLY A 193 32.84 -9.31 -0.92
C GLY A 193 31.68 -10.12 -1.48
N LEU A 194 31.94 -10.99 -2.45
CA LEU A 194 30.86 -11.82 -3.01
C LEU A 194 30.33 -12.88 -2.01
N GLY A 195 31.14 -13.24 -1.01
CA GLY A 195 30.75 -14.28 -0.08
C GLY A 195 30.60 -15.62 -0.79
N TYR A 196 29.58 -16.38 -0.40
CA TYR A 196 29.31 -17.72 -0.95
C TYR A 196 29.17 -17.66 -2.48
N ARG A 197 28.75 -16.51 -2.99
CA ARG A 197 28.53 -16.31 -4.42
C ARG A 197 29.83 -16.48 -5.23
N ALA A 198 30.96 -16.20 -4.59
CA ALA A 198 32.28 -16.39 -5.17
C ALA A 198 32.49 -17.81 -5.72
N ARG A 199 32.08 -18.81 -4.94
CA ARG A 199 32.24 -20.21 -5.33
C ARG A 199 31.41 -20.56 -6.56
N TYR A 200 30.20 -20.03 -6.63
CA TYR A 200 29.30 -20.32 -7.73
C TYR A 200 29.79 -19.65 -9.03
N VAL A 201 30.32 -18.44 -8.92
CA VAL A 201 30.87 -17.76 -10.10
C VAL A 201 31.99 -18.60 -10.73
N ARG A 202 32.99 -18.98 -9.93
CA ARG A 202 34.11 -19.75 -10.48
C ARG A 202 33.64 -21.11 -10.97
N ALA A 203 32.86 -21.80 -10.14
CA ALA A 203 32.43 -23.15 -10.48
C ALA A 203 31.54 -23.18 -11.72
N SER A 204 30.69 -22.17 -11.91
CA SER A 204 29.84 -22.12 -13.10
C SER A 204 30.67 -21.80 -14.34
N ALA A 205 31.66 -20.93 -14.21
CA ALA A 205 32.55 -20.64 -15.32
C ALA A 205 33.29 -21.91 -15.75
N LYS A 206 33.85 -22.62 -14.78
CA LYS A 206 34.53 -23.91 -15.04
C LYS A 206 33.62 -24.91 -15.74
N ALA A 207 32.42 -25.06 -15.16
CA ALA A 207 31.41 -25.99 -15.68
C ALA A 207 31.09 -25.70 -17.13
N ILE A 208 30.86 -24.44 -17.46
CA ILE A 208 30.53 -24.12 -18.83
C ILE A 208 31.68 -24.50 -19.77
N LEU A 209 32.89 -24.15 -19.37
CA LEU A 209 34.10 -24.44 -20.14
C LEU A 209 34.38 -25.94 -20.32
N GLU A 210 34.34 -26.68 -19.23
CA GLU A 210 34.79 -28.07 -19.23
C GLU A 210 33.70 -29.05 -19.65
N GLU A 211 32.46 -28.79 -19.26
CA GLU A 211 31.37 -29.73 -19.46
C GLU A 211 30.36 -29.33 -20.54
N GLN A 212 30.35 -28.07 -20.98
CA GLN A 212 29.37 -27.61 -21.99
C GLN A 212 29.95 -27.08 -23.31
N GLY A 213 31.27 -26.99 -23.41
CA GLY A 213 31.92 -26.53 -24.65
C GLY A 213 32.03 -25.03 -24.80
N GLY A 214 32.17 -24.31 -23.70
CA GLY A 214 32.43 -22.87 -23.75
C GLY A 214 31.20 -22.04 -24.07
N PRO A 215 31.39 -20.73 -24.30
CA PRO A 215 30.28 -19.77 -24.41
C PRO A 215 29.34 -20.02 -25.59
N ALA A 216 29.77 -20.82 -26.56
CA ALA A 216 28.91 -21.29 -27.63
C ALA A 216 27.64 -21.97 -27.09
N TRP A 217 27.74 -22.58 -25.92
CA TRP A 217 26.60 -23.21 -25.27
C TRP A 217 25.53 -22.19 -24.91
N LEU A 218 25.94 -21.03 -24.40
CA LEU A 218 24.98 -19.99 -24.04
C LEU A 218 24.20 -19.48 -25.26
N GLN A 219 24.86 -19.38 -26.42
CA GLN A 219 24.18 -19.05 -27.67
C GLN A 219 23.21 -20.16 -28.16
N GLN A 220 23.57 -21.43 -27.93
CA GLN A 220 22.64 -22.53 -28.23
C GLN A 220 21.35 -22.42 -27.39
N LEU A 221 21.49 -21.97 -26.15
CA LEU A 221 20.32 -21.80 -25.28
C LEU A 221 19.43 -20.65 -25.76
N ARG A 222 20.05 -19.65 -26.37
CA ARG A 222 19.31 -18.55 -26.98
C ARG A 222 18.37 -19.06 -28.08
N VAL A 223 18.80 -20.09 -28.82
CA VAL A 223 18.01 -20.73 -29.88
C VAL A 223 17.08 -21.84 -29.38
N ALA A 224 17.40 -22.45 -28.24
CA ALA A 224 16.55 -23.50 -27.67
C ALA A 224 15.26 -22.90 -27.09
N PRO A 225 14.21 -23.74 -26.94
CA PRO A 225 12.99 -23.23 -26.33
C PRO A 225 13.16 -22.98 -24.83
N TYR A 226 12.33 -22.10 -24.31
CA TYR A 226 12.43 -21.62 -22.92
C TYR A 226 12.61 -22.73 -21.88
N GLU A 227 11.78 -23.77 -21.96
CA GLU A 227 11.78 -24.81 -20.93
C GLU A 227 13.09 -25.64 -20.91
N GLU A 228 13.68 -25.87 -22.08
CA GLU A 228 14.95 -26.59 -22.18
C GLU A 228 16.13 -25.72 -21.73
N ALA A 229 16.15 -24.46 -22.16
CA ALA A 229 17.19 -23.52 -21.75
C ALA A 229 17.18 -23.36 -20.24
N HIS A 230 15.97 -23.27 -19.68
CA HIS A 230 15.81 -23.07 -18.25
C HIS A 230 16.36 -24.26 -17.47
N LYS A 231 15.96 -25.47 -17.88
CA LYS A 231 16.47 -26.68 -17.25
C LYS A 231 17.99 -26.77 -17.35
N ALA A 232 18.54 -26.45 -18.52
CA ALA A 232 19.98 -26.50 -18.74
C ALA A 232 20.74 -25.55 -17.81
N LEU A 233 20.27 -24.32 -17.70
CA LEU A 233 20.87 -23.36 -16.79
C LEU A 233 20.82 -23.83 -15.31
N CYS A 234 19.77 -24.53 -14.93
CA CYS A 234 19.63 -25.07 -13.57
C CYS A 234 20.61 -26.20 -13.23
N THR A 235 21.35 -26.71 -14.22
CA THR A 235 22.48 -27.61 -13.94
C THR A 235 23.74 -26.87 -13.48
N LEU A 236 23.78 -25.55 -13.58
CA LEU A 236 24.98 -24.81 -13.16
C LEU A 236 25.02 -24.55 -11.64
N PRO A 237 26.20 -24.60 -11.02
CA PRO A 237 26.36 -24.26 -9.60
C PRO A 237 25.82 -22.87 -9.25
N GLY A 238 24.87 -22.83 -8.31
CA GLY A 238 24.27 -21.57 -7.87
C GLY A 238 23.16 -21.04 -8.76
N VAL A 239 22.77 -21.79 -9.79
CA VAL A 239 21.70 -21.34 -10.66
C VAL A 239 20.46 -22.18 -10.42
N GLY A 240 19.51 -21.59 -9.70
CA GLY A 240 18.18 -22.18 -9.54
C GLY A 240 17.18 -21.47 -10.43
N ALA A 241 15.91 -21.70 -10.15
CA ALA A 241 14.83 -21.25 -11.02
C ALA A 241 14.82 -19.73 -11.24
N LYS A 242 15.06 -18.96 -10.19
CA LYS A 242 14.97 -17.51 -10.29
C LYS A 242 16.05 -16.99 -11.22
N VAL A 243 17.28 -17.40 -10.98
CA VAL A 243 18.41 -16.98 -11.79
C VAL A 243 18.30 -17.48 -13.23
N ALA A 244 17.85 -18.72 -13.41
CA ALA A 244 17.65 -19.23 -14.77
C ALA A 244 16.61 -18.42 -15.52
N ASP A 245 15.52 -18.08 -14.83
CA ASP A 245 14.49 -17.25 -15.42
C ASP A 245 14.99 -15.84 -15.73
N CYS A 246 15.77 -15.24 -14.82
CA CYS A 246 16.38 -13.94 -15.14
C CYS A 246 17.14 -13.97 -16.43
N ILE A 247 17.99 -14.99 -16.57
CA ILE A 247 18.84 -15.13 -17.76
C ILE A 247 18.02 -15.42 -19.02
N CYS A 248 17.02 -16.30 -18.89
CA CYS A 248 16.11 -16.59 -19.99
C CYS A 248 15.45 -15.32 -20.53
N LEU A 249 14.93 -14.51 -19.62
CA LEU A 249 14.19 -13.32 -19.99
C LEU A 249 15.07 -12.21 -20.56
N MET A 250 16.24 -12.03 -19.98
CA MET A 250 17.05 -10.85 -20.23
C MET A 250 18.17 -11.06 -21.24
N ALA A 251 18.52 -12.31 -21.52
CA ALA A 251 19.62 -12.61 -22.43
C ALA A 251 19.39 -13.75 -23.43
N LEU A 252 18.39 -14.59 -23.21
CA LEU A 252 18.16 -15.72 -24.11
C LEU A 252 16.85 -15.61 -24.87
N ASP A 253 16.31 -14.38 -24.96
CA ASP A 253 15.12 -14.08 -25.77
C ASP A 253 13.90 -14.97 -25.41
N LYS A 254 13.65 -15.17 -24.13
CA LYS A 254 12.45 -15.89 -23.66
C LYS A 254 11.52 -14.91 -22.92
N PRO A 255 10.66 -14.18 -23.66
CA PRO A 255 9.83 -13.15 -23.07
C PRO A 255 8.79 -13.66 -22.07
N GLN A 256 8.48 -14.96 -22.11
CA GLN A 256 7.55 -15.54 -21.16
C GLN A 256 8.18 -15.94 -19.83
N ALA A 257 9.50 -15.87 -19.71
CA ALA A 257 10.16 -16.22 -18.46
C ALA A 257 9.77 -15.25 -17.36
N VAL A 258 9.37 -15.76 -16.21
CA VAL A 258 8.95 -14.92 -15.10
C VAL A 258 9.71 -15.33 -13.83
N PRO A 259 10.79 -14.59 -13.49
CA PRO A 259 11.54 -14.92 -12.28
C PRO A 259 10.70 -14.75 -11.03
N VAL A 260 10.74 -15.73 -10.13
CA VAL A 260 9.98 -15.68 -8.89
C VAL A 260 10.89 -15.81 -7.68
N ASP A 261 10.84 -14.81 -6.81
CA ASP A 261 11.48 -14.84 -5.49
C ASP A 261 10.49 -14.25 -4.47
N VAL A 262 10.94 -14.12 -3.22
CA VAL A 262 10.13 -13.59 -2.12
C VAL A 262 9.44 -12.24 -2.43
N HIS A 263 10.06 -11.42 -3.27
CA HIS A 263 9.52 -10.10 -3.64
C HIS A 263 8.37 -10.22 -4.64
N VAL A 264 8.53 -11.10 -5.61
CA VAL A 264 7.45 -11.37 -6.57
C VAL A 264 6.29 -12.07 -5.84
N TRP A 265 6.61 -12.94 -4.88
CA TRP A 265 5.61 -13.61 -4.06
C TRP A 265 4.75 -12.55 -3.34
N GLN A 266 5.43 -11.58 -2.72
CA GLN A 266 4.82 -10.40 -2.09
C GLN A 266 3.85 -9.61 -2.98
N ILE A 267 4.37 -9.09 -4.10
CA ILE A 267 3.57 -8.41 -5.12
C ILE A 267 2.34 -9.24 -5.47
N ALA A 268 2.55 -10.51 -5.78
CA ALA A 268 1.46 -11.37 -6.25
C ALA A 268 0.38 -11.53 -5.19
N HIS A 269 0.80 -11.83 -3.97
CA HIS A 269 -0.15 -12.04 -2.92
C HIS A 269 -0.90 -10.73 -2.55
N ARG A 270 -0.15 -9.64 -2.37
CA ARG A 270 -0.75 -8.35 -1.99
C ARG A 270 -1.61 -7.73 -3.09
N ASP A 271 -1.08 -7.69 -4.31
CA ASP A 271 -1.70 -6.95 -5.40
C ASP A 271 -2.61 -7.79 -6.29
N TYR A 272 -2.42 -9.11 -6.31
CA TYR A 272 -3.26 -10.00 -7.12
C TYR A 272 -4.11 -10.95 -6.30
N GLY A 273 -3.88 -11.01 -4.99
CA GLY A 273 -4.63 -11.90 -4.11
C GLY A 273 -4.24 -13.35 -4.29
N TRP A 274 -3.08 -13.59 -4.88
CA TRP A 274 -2.70 -14.94 -5.24
C TRP A 274 -2.25 -15.76 -4.02
N HIS A 275 -2.75 -16.98 -3.95
CA HIS A 275 -2.21 -17.98 -3.03
C HIS A 275 -1.97 -19.25 -3.84
N PRO A 276 -1.01 -20.08 -3.40
CA PRO A 276 -0.81 -21.33 -4.11
C PRO A 276 -1.98 -22.27 -3.89
N LYS A 277 -2.46 -22.90 -4.96
CA LYS A 277 -3.38 -24.02 -4.81
C LYS A 277 -2.55 -25.29 -4.58
N THR A 278 -1.98 -25.36 -3.38
CA THR A 278 -1.08 -26.43 -2.94
C THR A 278 -0.70 -26.14 -1.47
N SER A 279 0.04 -27.04 -0.82
CA SER A 279 0.25 -26.98 0.64
C SER A 279 1.00 -25.75 1.16
N GLN A 280 2.28 -25.62 0.80
CA GLN A 280 3.12 -24.48 1.20
C GLN A 280 3.34 -24.41 2.73
N ALA A 281 3.79 -25.51 3.32
CA ALA A 281 4.07 -25.57 4.75
C ALA A 281 5.56 -25.81 5.03
N PRO A 284 6.66 -20.44 0.40
CA PRO A 284 7.28 -20.65 -0.91
C PRO A 284 8.04 -21.98 -1.03
N SER A 285 8.18 -22.45 -2.27
CA SER A 285 8.87 -23.69 -2.59
C SER A 285 9.04 -23.76 -4.10
N PRO A 286 9.85 -24.70 -4.59
CA PRO A 286 10.06 -24.73 -6.05
C PRO A 286 8.81 -24.99 -6.90
N LEU A 287 7.90 -25.85 -6.42
CA LEU A 287 6.68 -26.14 -7.18
C LEU A 287 5.67 -25.00 -7.06
N ALA A 288 5.59 -24.41 -5.89
CA ALA A 288 4.73 -23.24 -5.69
C ALA A 288 5.24 -22.02 -6.47
N ASN A 289 6.56 -21.82 -6.50
CA ASN A 289 7.19 -20.76 -7.31
C ASN A 289 6.88 -20.90 -8.78
N LYS A 290 6.99 -22.13 -9.31
CA LYS A 290 6.65 -22.37 -10.72
C LYS A 290 5.17 -22.13 -10.98
N GLU A 291 4.32 -22.52 -10.04
CA GLU A 291 2.88 -22.24 -10.14
C GLU A 291 2.63 -20.74 -10.28
N LEU A 292 3.32 -19.92 -9.50
CA LEU A 292 3.15 -18.47 -9.57
C LEU A 292 3.60 -17.93 -10.94
N GLY A 293 4.75 -18.41 -11.40
CA GLY A 293 5.22 -18.10 -12.75
C GLY A 293 4.19 -18.49 -13.80
N ASN A 294 3.57 -19.66 -13.63
CA ASN A 294 2.47 -20.08 -14.52
C ASN A 294 1.24 -19.16 -14.40
N PHE A 295 0.89 -18.77 -13.18
CA PHE A 295 -0.22 -17.80 -13.00
C PHE A 295 -0.03 -16.56 -13.87
N PHE A 296 1.18 -16.00 -13.91
CA PHE A 296 1.42 -14.77 -14.67
C PHE A 296 1.52 -14.98 -16.18
N ARG A 297 2.05 -16.12 -16.63
CA ARG A 297 2.00 -16.44 -18.06
C ARG A 297 0.56 -16.65 -18.53
N ASN A 298 -0.22 -17.35 -17.69
CA ASN A 298 -1.66 -17.54 -17.91
C ASN A 298 -2.36 -16.20 -18.05
N LEU A 299 -2.06 -15.27 -17.13
CA LEU A 299 -2.71 -13.95 -17.12
C LEU A 299 -2.28 -13.03 -18.25
N TRP A 300 -0.96 -12.91 -18.48
CA TRP A 300 -0.42 -11.89 -19.38
C TRP A 300 -0.06 -12.36 -20.79
N GLY A 301 0.18 -13.65 -20.97
CA GLY A 301 0.52 -14.18 -22.28
C GLY A 301 2.01 -14.37 -22.45
N PRO A 302 2.48 -14.52 -23.70
CA PRO A 302 3.87 -14.90 -23.97
C PRO A 302 4.93 -13.84 -23.63
N TYR A 303 4.52 -12.60 -23.36
CA TYR A 303 5.47 -11.57 -22.93
C TYR A 303 5.30 -11.27 -21.45
N ALA A 304 4.90 -12.29 -20.69
CA ALA A 304 4.65 -12.13 -19.26
C ALA A 304 5.85 -11.51 -18.51
N GLY A 305 7.06 -11.91 -18.87
CA GLY A 305 8.27 -11.35 -18.23
C GLY A 305 8.41 -9.85 -18.39
N TRP A 306 7.98 -9.36 -19.55
CA TRP A 306 8.03 -7.93 -19.82
C TRP A 306 7.00 -7.18 -18.97
N ALA A 307 5.83 -7.78 -18.78
CA ALA A 307 4.79 -7.13 -17.99
C ALA A 307 5.26 -7.06 -16.53
N GLN A 308 5.88 -8.14 -16.06
CA GLN A 308 6.45 -8.19 -14.71
C GLN A 308 7.47 -7.10 -14.45
N ALA A 309 8.30 -6.81 -15.44
CA ALA A 309 9.30 -5.74 -15.32
C ALA A 309 8.65 -4.38 -15.13
N VAL A 310 7.51 -4.14 -15.76
CA VAL A 310 6.78 -2.87 -15.58
C VAL A 310 6.37 -2.75 -14.13
N LEU A 311 5.78 -3.80 -13.59
CA LEU A 311 5.34 -3.81 -12.20
C LEU A 311 6.50 -3.67 -11.22
N PHE A 312 7.62 -4.32 -11.52
CA PHE A 312 8.79 -4.23 -10.66
C PHE A 312 9.37 -2.81 -10.63
N SER A 313 9.33 -2.13 -11.78
CA SER A 313 9.78 -0.75 -11.85
C SER A 313 8.84 0.18 -11.05
N ALA A 314 7.53 -0.02 -11.20
CA ALA A 314 6.55 0.81 -10.51
C ALA A 314 6.61 0.65 -8.99
N ASP A 315 6.90 -0.55 -8.51
CA ASP A 315 6.98 -0.83 -7.08
C ASP A 315 8.24 -0.26 -6.47
N LEU A 316 9.35 -0.36 -7.21
CA LEU A 316 10.65 0.11 -6.75
C LEU A 316 10.73 1.64 -6.59
N ARG A 317 9.92 2.38 -7.35
CA ARG A 317 9.93 3.85 -7.30
C ARG A 317 9.03 4.37 -6.19
N GLY B 1 -24.21 22.76 -32.31
CA GLY B 1 -25.23 23.28 -33.29
C GLY B 1 -26.30 24.17 -32.64
N SER B 2 -26.38 24.20 -31.30
CA SER B 2 -27.47 24.94 -30.65
C SER B 2 -27.03 26.28 -30.06
N HIS B 3 -27.85 27.30 -30.30
CA HIS B 3 -27.66 28.61 -29.69
C HIS B 3 -27.83 28.57 -28.17
N MET B 4 -28.63 27.62 -27.68
CA MET B 4 -28.79 27.43 -26.25
C MET B 4 -27.52 26.83 -25.65
N ARG B 5 -26.96 27.49 -24.65
CA ARG B 5 -25.72 27.06 -24.02
C ARG B 5 -25.96 26.45 -22.65
N HIS B 6 -25.03 25.62 -22.21
CA HIS B 6 -25.03 25.12 -20.84
C HIS B 6 -24.86 26.31 -19.91
N ARG B 7 -25.66 26.34 -18.86
CA ARG B 7 -25.63 27.45 -17.90
C ARG B 7 -24.52 27.28 -16.88
N THR B 8 -23.96 28.41 -16.45
CA THR B 8 -23.03 28.45 -15.32
C THR B 8 -23.70 29.21 -14.18
N LEU B 9 -23.02 29.31 -13.04
CA LEU B 9 -23.56 29.97 -11.87
C LEU B 9 -23.50 31.48 -12.06
N SER B 10 -22.33 31.96 -12.46
CA SER B 10 -22.11 33.37 -12.72
C SER B 10 -22.93 33.84 -13.93
N SER B 11 -22.61 33.30 -15.10
CA SER B 11 -23.10 33.86 -16.37
C SER B 11 -24.62 33.90 -16.60
N SER B 12 -25.42 33.23 -15.76
CA SER B 12 -26.89 33.31 -15.89
C SER B 12 -27.62 32.96 -14.59
N PRO B 13 -27.39 33.75 -13.53
CA PRO B 13 -27.75 33.41 -12.14
C PRO B 13 -29.24 33.51 -11.78
N ALA B 14 -30.04 34.11 -12.64
CA ALA B 14 -31.48 34.23 -12.40
C ALA B 14 -32.18 32.86 -12.40
N LEU B 15 -31.65 31.93 -13.20
CA LEU B 15 -32.33 30.64 -13.47
C LEU B 15 -31.95 29.50 -12.51
N TRP B 16 -31.21 29.80 -11.45
CA TRP B 16 -30.80 28.77 -10.50
C TRP B 16 -31.59 28.79 -9.21
N ALA B 17 -31.54 27.68 -8.49
CA ALA B 17 -32.09 27.56 -7.14
C ALA B 17 -30.98 27.02 -6.25
N SER B 18 -31.30 26.69 -4.98
CA SER B 18 -30.27 26.23 -4.04
C SER B 18 -30.83 25.35 -2.92
N ILE B 19 -30.09 24.31 -2.59
CA ILE B 19 -30.39 23.42 -1.48
C ILE B 19 -29.22 23.53 -0.49
N PRO B 20 -29.52 23.66 0.82
CA PRO B 20 -28.42 23.74 1.78
C PRO B 20 -27.74 22.39 1.94
N CYS B 21 -26.43 22.35 1.72
CA CYS B 21 -25.69 21.10 1.63
C CYS B 21 -24.21 21.37 1.84
N PRO B 22 -23.66 21.03 3.03
CA PRO B 22 -22.22 21.23 3.20
C PRO B 22 -21.43 20.27 2.32
N ARG B 23 -20.26 20.70 1.89
CA ARG B 23 -19.43 19.91 1.00
C ARG B 23 -19.09 18.54 1.61
N SER B 24 -19.11 18.46 2.94
CA SER B 24 -18.84 17.22 3.65
C SER B 24 -19.96 16.18 3.53
N GLU B 25 -21.17 16.61 3.18
CA GLU B 25 -22.30 15.69 2.97
C GLU B 25 -22.45 15.24 1.52
N LEU B 26 -21.86 16.00 0.60
CA LEU B 26 -21.96 15.70 -0.83
C LEU B 26 -20.85 16.41 -1.60
N ARG B 27 -20.03 15.60 -2.29
CA ARG B 27 -19.10 16.10 -3.28
C ARG B 27 -19.50 15.57 -4.66
N LEU B 28 -19.96 16.48 -5.52
CA LEU B 28 -20.41 16.13 -6.87
C LEU B 28 -19.33 15.44 -7.67
N ASP B 29 -18.10 15.94 -7.55
CA ASP B 29 -16.96 15.41 -8.27
C ASP B 29 -16.53 13.98 -7.88
N LEU B 30 -16.97 13.51 -6.71
CA LEU B 30 -16.73 12.14 -6.26
C LEU B 30 -17.92 11.21 -6.48
N VAL B 31 -19.08 11.77 -6.77
CA VAL B 31 -20.29 10.98 -6.84
C VAL B 31 -20.85 10.82 -8.26
N LEU B 32 -20.72 11.84 -9.12
CA LEU B 32 -21.48 11.84 -10.40
C LEU B 32 -20.82 11.12 -11.60
N ALA B 33 -19.50 10.95 -11.58
CA ALA B 33 -18.81 10.21 -12.65
C ALA B 33 -17.93 9.10 -12.08
N SER B 34 -18.39 8.50 -10.99
CA SER B 34 -17.64 7.47 -10.27
C SER B 34 -18.22 6.07 -10.53
N GLY B 35 -18.99 5.89 -11.58
CA GLY B 35 -19.60 4.59 -11.88
C GLY B 35 -20.85 4.23 -11.09
N GLN B 36 -21.53 5.20 -10.48
CA GLN B 36 -22.88 4.99 -9.96
C GLN B 36 -23.88 5.26 -11.09
N SER B 37 -23.87 6.51 -11.57
CA SER B 37 -24.65 6.94 -12.74
C SER B 37 -23.65 7.18 -13.85
N PHE B 38 -24.08 6.98 -15.09
CA PHE B 38 -23.20 7.14 -16.24
C PHE B 38 -23.67 8.26 -17.16
N ARG B 39 -24.49 9.17 -16.63
CA ARG B 39 -25.16 10.19 -17.44
C ARG B 39 -24.78 11.62 -17.08
N TRP B 40 -23.85 11.80 -16.16
CA TRP B 40 -23.42 13.14 -15.78
C TRP B 40 -22.06 13.43 -16.39
N LYS B 41 -21.89 14.66 -16.88
CA LYS B 41 -20.65 15.09 -17.49
C LYS B 41 -20.32 16.54 -17.10
N GLU B 42 -19.06 16.80 -16.83
CA GLU B 42 -18.61 18.11 -16.36
C GLU B 42 -18.34 19.04 -17.55
N GLN B 43 -19.42 19.58 -18.12
CA GLN B 43 -19.35 20.33 -19.38
C GLN B 43 -18.56 21.63 -19.26
N SER B 44 -18.52 22.20 -18.06
CA SER B 44 -17.57 23.27 -17.75
C SER B 44 -17.14 23.13 -16.30
N PRO B 45 -15.94 23.64 -15.96
CA PRO B 45 -15.37 23.41 -14.64
C PRO B 45 -16.40 23.53 -13.53
N ALA B 46 -16.46 22.51 -12.68
CA ALA B 46 -17.37 22.48 -11.53
C ALA B 46 -18.86 22.46 -11.87
N HIS B 47 -19.20 22.32 -13.15
CA HIS B 47 -20.60 22.32 -13.59
C HIS B 47 -20.99 21.00 -14.27
N TRP B 48 -21.86 20.25 -13.61
CA TRP B 48 -22.21 18.88 -13.99
C TRP B 48 -23.59 18.87 -14.61
N SER B 49 -23.67 18.49 -15.88
CA SER B 49 -24.94 18.43 -16.58
C SER B 49 -25.33 16.99 -16.92
N GLY B 50 -26.61 16.67 -16.71
CA GLY B 50 -27.09 15.33 -16.98
C GLY B 50 -28.59 15.26 -17.04
N VAL B 51 -29.11 14.07 -17.28
CA VAL B 51 -30.53 13.84 -17.44
C VAL B 51 -31.12 13.11 -16.23
N LEU B 52 -32.27 13.58 -15.77
CA LEU B 52 -33.09 12.86 -14.78
C LEU B 52 -34.55 12.99 -15.17
N ALA B 53 -35.22 11.84 -15.29
CA ALA B 53 -36.65 11.79 -15.56
C ALA B 53 -37.07 12.72 -16.70
N ASP B 54 -36.44 12.55 -17.86
CA ASP B 54 -36.78 13.32 -19.05
C ASP B 54 -36.57 14.84 -18.92
N GLN B 55 -35.70 15.28 -17.99
CA GLN B 55 -35.31 16.69 -17.86
C GLN B 55 -33.80 16.78 -17.73
N VAL B 56 -33.22 17.88 -18.21
CA VAL B 56 -31.81 18.09 -18.09
C VAL B 56 -31.60 19.00 -16.89
N TRP B 57 -30.55 18.71 -16.13
CA TRP B 57 -30.16 19.48 -14.97
C TRP B 57 -28.71 19.89 -15.14
N THR B 58 -28.38 21.08 -14.63
CA THR B 58 -26.98 21.46 -14.40
C THR B 58 -26.81 21.75 -12.91
N LEU B 59 -25.79 21.15 -12.32
CA LEU B 59 -25.52 21.21 -10.89
C LEU B 59 -24.11 21.73 -10.64
N THR B 60 -23.98 22.49 -9.57
CA THR B 60 -22.69 22.96 -9.11
C THR B 60 -22.84 23.25 -7.62
N GLN B 61 -21.75 23.52 -6.92
CA GLN B 61 -21.84 23.70 -5.48
C GLN B 61 -20.75 24.58 -4.90
N THR B 62 -21.03 25.18 -3.75
CA THR B 62 -20.01 25.86 -2.93
C THR B 62 -19.87 25.04 -1.66
N GLU B 63 -19.09 25.55 -0.70
CA GLU B 63 -18.84 24.80 0.51
C GLU B 63 -20.13 24.54 1.29
N ASP B 64 -21.09 25.46 1.19
CA ASP B 64 -22.33 25.37 1.97
C ASP B 64 -23.55 24.99 1.15
N GLN B 65 -23.49 25.18 -0.17
CA GLN B 65 -24.70 25.14 -1.00
C GLN B 65 -24.55 24.29 -2.27
N LEU B 66 -25.58 23.50 -2.54
CA LEU B 66 -25.77 22.83 -3.83
C LEU B 66 -26.69 23.68 -4.72
N TYR B 67 -26.17 24.16 -5.86
CA TYR B 67 -26.97 24.94 -6.80
C TYR B 67 -27.41 24.08 -8.00
N CYS B 68 -28.71 24.16 -8.34
CA CYS B 68 -29.28 23.39 -9.43
C CYS B 68 -30.17 24.24 -10.36
N THR B 69 -30.10 23.95 -11.65
CA THR B 69 -30.91 24.62 -12.67
C THR B 69 -31.41 23.56 -13.67
N VAL B 70 -32.68 23.66 -14.06
CA VAL B 70 -33.31 22.64 -14.91
C VAL B 70 -33.69 23.22 -16.28
N TYR B 71 -33.58 22.39 -17.32
CA TYR B 71 -33.96 22.75 -18.68
C TYR B 71 -35.07 21.80 -19.12
N ARG B 72 -36.24 22.32 -19.44
CA ARG B 72 -37.38 21.47 -19.75
C ARG B 72 -37.52 21.21 -21.25
N GLY B 73 -37.12 22.17 -22.07
CA GLY B 73 -36.98 21.95 -23.51
C GLY B 73 -38.25 22.02 -24.34
N ASP B 74 -39.40 21.76 -23.71
CA ASP B 74 -40.69 21.89 -24.37
C ASP B 74 -41.05 23.37 -24.56
N ASP B 75 -42.33 23.66 -24.80
CA ASP B 75 -42.79 25.04 -25.05
C ASP B 75 -42.50 26.02 -23.90
N SER B 76 -42.54 25.53 -22.66
CA SER B 76 -42.46 26.38 -21.46
C SER B 76 -41.28 27.36 -21.46
N GLN B 77 -41.48 28.51 -20.81
CA GLN B 77 -40.47 29.57 -20.76
C GLN B 77 -39.33 29.20 -19.82
N VAL B 78 -38.13 29.65 -20.16
CA VAL B 78 -36.92 29.33 -19.41
C VAL B 78 -37.02 29.90 -17.99
N SER B 79 -37.33 29.04 -17.02
CA SER B 79 -37.47 29.44 -15.62
C SER B 79 -36.64 28.56 -14.70
N ARG B 80 -36.36 29.07 -13.49
CA ARG B 80 -35.59 28.32 -12.50
C ARG B 80 -36.38 27.11 -11.97
N PRO B 81 -35.73 26.19 -11.24
CA PRO B 81 -36.37 24.94 -10.79
C PRO B 81 -37.59 25.16 -9.92
N THR B 82 -38.59 24.30 -10.04
CA THR B 82 -39.79 24.42 -9.22
C THR B 82 -39.58 23.67 -7.91
N LEU B 83 -40.64 23.57 -7.13
CA LEU B 83 -40.56 23.03 -5.80
C LEU B 83 -40.57 21.51 -5.84
N GLU B 84 -41.54 20.93 -6.55
CA GLU B 84 -41.60 19.48 -6.75
C GLU B 84 -40.32 18.92 -7.39
N GLU B 85 -39.70 19.73 -8.25
CA GLU B 85 -38.48 19.35 -8.95
C GLU B 85 -37.27 19.36 -8.01
N LEU B 86 -37.17 20.39 -7.17
CA LEU B 86 -36.11 20.48 -6.16
C LEU B 86 -36.12 19.32 -5.18
N GLU B 87 -37.31 18.77 -4.94
CA GLU B 87 -37.46 17.68 -3.98
C GLU B 87 -37.25 16.28 -4.58
N THR B 88 -37.32 16.17 -5.90
CA THR B 88 -36.85 14.94 -6.58
C THR B 88 -35.33 14.85 -6.43
N LEU B 89 -34.66 16.00 -6.51
CA LEU B 89 -33.21 16.12 -6.28
C LEU B 89 -32.78 15.77 -4.87
N HIS B 90 -33.64 16.10 -3.91
CA HIS B 90 -33.38 15.84 -2.53
C HIS B 90 -33.41 14.34 -2.28
N LYS B 91 -34.40 13.69 -2.89
CA LYS B 91 -34.50 12.23 -2.87
C LYS B 91 -33.34 11.59 -3.64
N TYR B 92 -32.95 12.20 -4.77
CA TYR B 92 -31.91 11.66 -5.65
C TYR B 92 -30.59 11.60 -4.91
N PHE B 93 -30.27 12.68 -4.20
CA PHE B 93 -29.04 12.75 -3.42
C PHE B 93 -29.21 12.21 -2.00
N GLN B 94 -30.42 11.74 -1.67
CA GLN B 94 -30.72 11.14 -0.37
C GLN B 94 -30.23 12.00 0.80
N LEU B 95 -30.52 13.29 0.74
CA LEU B 95 -30.00 14.23 1.71
C LEU B 95 -30.64 14.16 3.11
N ASP B 96 -31.66 13.32 3.28
CA ASP B 96 -32.18 12.97 4.62
C ASP B 96 -31.13 12.24 5.43
N VAL B 97 -30.32 11.42 4.75
CA VAL B 97 -29.28 10.64 5.40
C VAL B 97 -28.09 11.52 5.71
N SER B 98 -27.73 11.59 6.99
CA SER B 98 -26.55 12.32 7.40
C SER B 98 -25.32 11.45 7.18
N LEU B 99 -24.49 11.89 6.25
CA LEU B 99 -23.20 11.24 5.98
C LEU B 99 -22.22 11.42 7.16
N ALA B 100 -22.25 12.59 7.81
CA ALA B 100 -21.38 12.88 8.96
C ALA B 100 -21.46 11.79 10.02
N GLN B 101 -22.68 11.38 10.34
CA GLN B 101 -22.92 10.34 11.34
C GLN B 101 -22.51 8.96 10.86
N LEU B 102 -22.74 8.69 9.57
CA LEU B 102 -22.32 7.43 8.97
C LEU B 102 -20.79 7.28 8.96
N TYR B 103 -20.08 8.30 8.49
CA TYR B 103 -18.59 8.28 8.45
C TYR B 103 -18.03 8.10 9.87
N SER B 104 -18.62 8.83 10.80
CA SER B 104 -18.25 8.76 12.21
C SER B 104 -18.42 7.34 12.75
N HIS B 105 -19.54 6.73 12.43
CA HIS B 105 -19.78 5.35 12.83
C HIS B 105 -18.85 4.33 12.17
N TRP B 106 -18.62 4.47 10.87
CA TRP B 106 -17.76 3.55 10.13
C TRP B 106 -16.31 3.66 10.63
N ALA B 107 -15.88 4.87 11.00
CA ALA B 107 -14.52 5.10 11.50
C ALA B 107 -14.32 4.49 12.90
N SER B 108 -15.39 4.44 13.68
CA SER B 108 -15.33 3.91 15.04
C SER B 108 -15.17 2.40 15.04
N VAL B 109 -15.77 1.71 14.08
CA VAL B 109 -15.67 0.24 14.02
C VAL B 109 -14.57 -0.27 13.09
N ASP B 110 -13.93 0.60 12.31
CA ASP B 110 -13.00 0.16 11.27
C ASP B 110 -11.84 1.15 11.14
N SER B 111 -10.68 0.77 11.65
CA SER B 111 -9.50 1.65 11.66
C SER B 111 -8.95 1.92 10.24
N HIS B 112 -9.12 0.98 9.33
CA HIS B 112 -8.72 1.19 7.91
C HIS B 112 -9.57 2.29 7.27
N PHE B 113 -10.89 2.18 7.43
CA PHE B 113 -11.79 3.23 6.98
C PHE B 113 -11.39 4.59 7.56
N GLN B 114 -11.13 4.62 8.86
CA GLN B 114 -10.76 5.86 9.55
C GLN B 114 -9.62 6.59 8.88
N ARG B 115 -8.57 5.87 8.48
CA ARG B 115 -7.44 6.46 7.75
C ARG B 115 -7.83 6.93 6.35
N VAL B 116 -8.45 6.03 5.59
CA VAL B 116 -8.67 6.23 4.17
C VAL B 116 -9.79 7.22 3.83
N ALA B 117 -10.83 7.31 4.65
CA ALA B 117 -11.99 8.18 4.36
C ALA B 117 -11.84 9.65 4.81
N GLN B 118 -10.71 10.02 5.36
CA GLN B 118 -10.47 11.41 5.77
C GLN B 118 -10.36 12.35 4.57
N LYS B 119 -9.59 11.95 3.57
CA LYS B 119 -9.49 12.73 2.32
C LYS B 119 -10.73 12.59 1.42
N PHE B 120 -11.62 11.64 1.73
CA PHE B 120 -12.74 11.35 0.83
C PHE B 120 -14.09 11.55 1.47
N GLN B 121 -14.29 12.77 1.96
CA GLN B 121 -15.56 13.23 2.50
C GLN B 121 -16.60 13.37 1.38
N GLY B 122 -17.87 13.21 1.75
CA GLY B 122 -18.98 13.55 0.86
C GLY B 122 -19.35 12.53 -0.20
N VAL B 123 -18.87 11.29 -0.06
CA VAL B 123 -19.24 10.24 -1.01
C VAL B 123 -20.54 9.63 -0.49
N ARG B 124 -21.60 9.71 -1.28
CA ARG B 124 -22.88 9.09 -0.94
C ARG B 124 -23.45 8.38 -2.15
N LEU B 125 -24.50 7.59 -1.91
CA LEU B 125 -25.18 6.83 -2.94
C LEU B 125 -26.35 7.61 -3.49
N LEU B 126 -26.38 7.75 -4.81
CA LEU B 126 -27.52 8.32 -5.50
C LEU B 126 -28.69 7.36 -5.42
N ARG B 127 -29.90 7.90 -5.31
CA ARG B 127 -31.11 7.09 -5.41
C ARG B 127 -31.61 7.17 -6.85
N GLN B 128 -31.33 6.14 -7.63
CA GLN B 128 -31.53 6.20 -9.07
C GLN B 128 -32.83 5.54 -9.49
N ASP B 129 -33.31 5.91 -10.67
CA ASP B 129 -34.45 5.24 -11.26
C ASP B 129 -34.10 3.77 -11.54
N PRO B 130 -34.97 2.84 -11.10
CA PRO B 130 -34.67 1.42 -11.25
C PRO B 130 -34.47 0.94 -12.69
N THR B 131 -35.33 1.38 -13.61
CA THR B 131 -35.13 1.06 -15.03
C THR B 131 -33.76 1.52 -15.53
N GLU B 132 -33.43 2.79 -15.31
CA GLU B 132 -32.11 3.28 -15.75
C GLU B 132 -30.97 2.50 -15.12
N CYS B 133 -31.09 2.24 -13.83
CA CYS B 133 -30.06 1.50 -13.11
C CYS B 133 -29.88 0.06 -13.61
N LEU B 134 -30.99 -0.66 -13.78
CA LEU B 134 -30.96 -2.03 -14.30
C LEU B 134 -30.24 -2.13 -15.62
N PHE B 135 -30.66 -1.30 -16.58
CA PHE B 135 -30.11 -1.38 -17.93
C PHE B 135 -28.72 -0.81 -18.09
N SER B 136 -28.37 0.16 -17.25
CA SER B 136 -26.99 0.62 -17.17
C SER B 136 -26.06 -0.48 -16.64
N PHE B 137 -26.50 -1.22 -15.62
CA PHE B 137 -25.62 -2.20 -15.02
C PHE B 137 -25.59 -3.54 -15.75
N ILE B 138 -26.59 -3.81 -16.58
CA ILE B 138 -26.49 -4.85 -17.59
C ILE B 138 -25.36 -4.50 -18.57
N CYS B 139 -25.19 -3.21 -18.88
CA CYS B 139 -24.10 -2.78 -19.76
C CYS B 139 -22.72 -2.78 -19.09
N SER B 140 -22.64 -3.09 -17.80
CA SER B 140 -21.39 -2.90 -17.06
C SER B 140 -20.45 -4.11 -17.07
N SER B 141 -20.95 -5.30 -17.37
CA SER B 141 -20.12 -6.51 -17.35
C SER B 141 -18.96 -6.43 -18.35
N ASN B 142 -17.77 -6.88 -17.95
CA ASN B 142 -16.56 -6.85 -18.81
C ASN B 142 -16.36 -5.46 -19.40
N ASN B 143 -16.45 -4.44 -18.55
CA ASN B 143 -16.53 -3.07 -19.02
C ASN B 143 -15.92 -2.11 -18.00
N ASN B 144 -15.58 -0.91 -18.46
CA ASN B 144 -15.06 0.16 -17.62
C ASN B 144 -15.94 1.41 -17.80
N ILE B 145 -15.74 2.44 -16.98
CA ILE B 145 -16.67 3.58 -16.94
C ILE B 145 -16.85 4.32 -18.28
N ALA B 146 -15.76 4.85 -18.84
CA ALA B 146 -15.84 5.60 -20.11
C ALA B 146 -16.59 4.82 -21.21
N ARG B 147 -16.39 3.50 -21.23
CA ARG B 147 -17.01 2.66 -22.25
C ARG B 147 -18.49 2.38 -21.95
N ILE B 148 -18.84 2.14 -20.69
CA ILE B 148 -20.25 2.05 -20.28
C ILE B 148 -20.95 3.37 -20.61
N THR B 149 -20.30 4.47 -20.24
CA THR B 149 -20.83 5.80 -20.48
C THR B 149 -21.18 5.99 -21.96
N GLY B 150 -20.28 5.59 -22.83
CA GLY B 150 -20.54 5.64 -24.27
C GLY B 150 -21.70 4.77 -24.69
N MET B 151 -21.76 3.55 -24.16
CA MET B 151 -22.86 2.62 -24.51
C MET B 151 -24.22 3.18 -24.08
N VAL B 152 -24.27 3.67 -22.86
CA VAL B 152 -25.50 4.24 -22.32
C VAL B 152 -25.96 5.44 -23.16
N GLU B 153 -25.03 6.31 -23.53
CA GLU B 153 -25.38 7.46 -24.38
C GLU B 153 -25.97 7.03 -25.72
N ARG B 154 -25.32 6.08 -26.39
CA ARG B 154 -25.80 5.63 -27.70
C ARG B 154 -27.16 4.93 -27.58
N LEU B 155 -27.32 4.16 -26.52
CA LEU B 155 -28.61 3.53 -26.21
C LEU B 155 -29.74 4.56 -25.97
N CYS B 156 -29.44 5.65 -25.27
CA CYS B 156 -30.43 6.69 -25.00
C CYS B 156 -30.76 7.49 -26.25
N GLN B 157 -29.72 7.79 -27.01
CA GLN B 157 -29.83 8.47 -28.28
C GLN B 157 -30.68 7.67 -29.27
N ALA B 158 -30.50 6.35 -29.28
CA ALA B 158 -31.20 5.46 -30.21
C ALA B 158 -32.62 5.21 -29.82
N PHE B 159 -32.88 5.02 -28.53
CA PHE B 159 -34.18 4.54 -28.08
C PHE B 159 -34.97 5.48 -27.18
N GLY B 160 -34.36 6.59 -26.76
CA GLY B 160 -34.99 7.48 -25.78
C GLY B 160 -35.46 8.77 -26.42
N PRO B 161 -36.44 9.44 -25.79
CA PRO B 161 -36.96 10.68 -26.34
C PRO B 161 -35.93 11.81 -26.37
N ARG B 162 -35.89 12.57 -27.46
CA ARG B 162 -34.98 13.71 -27.57
C ARG B 162 -35.53 14.84 -26.68
N LEU B 163 -34.68 15.40 -25.83
CA LEU B 163 -35.12 16.39 -24.86
C LEU B 163 -34.78 17.80 -25.30
N ILE B 164 -33.50 18.07 -25.54
CA ILE B 164 -33.01 19.42 -25.86
C ILE B 164 -31.56 19.33 -26.25
N GLN B 165 -31.09 20.28 -27.07
CA GLN B 165 -29.67 20.38 -27.39
C GLN B 165 -29.08 21.60 -26.69
N LEU B 166 -28.00 21.39 -25.96
CA LEU B 166 -27.23 22.47 -25.34
C LEU B 166 -25.83 22.41 -25.93
N ASP B 167 -25.35 23.56 -26.43
CA ASP B 167 -24.10 23.63 -27.17
C ASP B 167 -24.07 22.51 -28.24
N ASP B 168 -23.03 21.67 -28.26
CA ASP B 168 -22.98 20.55 -29.21
C ASP B 168 -23.48 19.24 -28.59
N VAL B 169 -24.22 19.31 -27.48
CA VAL B 169 -24.71 18.11 -26.82
C VAL B 169 -26.21 17.92 -26.94
N THR B 170 -26.64 16.78 -27.49
CA THR B 170 -28.06 16.44 -27.54
C THR B 170 -28.41 15.45 -26.44
N TYR B 171 -29.39 15.83 -25.63
CA TYR B 171 -29.77 15.06 -24.46
C TYR B 171 -31.02 14.26 -24.75
N HIS B 172 -30.99 13.00 -24.34
CA HIS B 172 -32.11 12.10 -24.51
C HIS B 172 -32.58 11.55 -23.16
N GLY B 173 -33.87 11.30 -23.04
CA GLY B 173 -34.40 10.62 -21.88
C GLY B 173 -33.99 9.16 -21.92
N PHE B 174 -34.04 8.51 -20.76
CA PHE B 174 -33.72 7.10 -20.72
C PHE B 174 -34.85 6.33 -21.41
N PRO B 175 -34.52 5.26 -22.17
CA PRO B 175 -35.61 4.54 -22.83
C PRO B 175 -36.52 3.80 -21.86
N ASN B 176 -37.79 3.66 -22.24
CA ASN B 176 -38.72 2.85 -21.46
C ASN B 176 -38.64 1.42 -21.98
N LEU B 177 -39.29 0.51 -21.28
CA LEU B 177 -39.21 -0.92 -21.59
C LEU B 177 -39.72 -1.25 -22.99
N HIS B 178 -40.80 -0.59 -23.39
CA HIS B 178 -41.37 -0.85 -24.72
C HIS B 178 -40.37 -0.62 -25.84
N ALA B 179 -39.60 0.45 -25.73
CA ALA B 179 -38.59 0.76 -26.74
C ALA B 179 -37.52 -0.32 -26.79
N LEU B 180 -37.05 -0.74 -25.62
CA LEU B 180 -35.95 -1.71 -25.53
C LEU B 180 -36.39 -3.14 -25.82
N ALA B 181 -37.69 -3.40 -25.74
CA ALA B 181 -38.25 -4.72 -25.98
C ALA B 181 -38.68 -4.93 -27.43
N GLY B 182 -38.74 -3.85 -28.20
CA GLY B 182 -39.27 -3.88 -29.56
C GLY B 182 -38.58 -4.86 -30.48
N PRO B 183 -39.24 -5.24 -31.58
CA PRO B 183 -38.71 -6.23 -32.52
C PRO B 183 -37.27 -5.95 -32.97
N GLU B 184 -36.94 -4.67 -33.22
CA GLU B 184 -35.64 -4.27 -33.79
C GLU B 184 -34.57 -3.89 -32.76
N ALA B 185 -34.84 -4.11 -31.48
CA ALA B 185 -33.97 -3.56 -30.41
C ALA B 185 -32.58 -4.19 -30.35
N GLU B 186 -32.50 -5.51 -30.47
CA GLU B 186 -31.22 -6.20 -30.35
C GLU B 186 -30.31 -5.89 -31.55
N THR B 187 -30.90 -5.88 -32.74
CA THR B 187 -30.18 -5.54 -33.96
C THR B 187 -29.49 -4.18 -33.80
N HIS B 188 -30.28 -3.16 -33.52
CA HIS B 188 -29.80 -1.79 -33.40
C HIS B 188 -28.76 -1.64 -32.28
N LEU B 189 -28.94 -2.37 -31.18
CA LEU B 189 -28.00 -2.31 -30.05
C LEU B 189 -26.66 -2.99 -30.34
N ARG B 190 -26.65 -3.97 -31.25
CA ARG B 190 -25.39 -4.56 -31.73
C ARG B 190 -24.71 -3.60 -32.67
N LYS B 191 -25.48 -2.99 -33.55
CA LYS B 191 -24.99 -1.90 -34.40
C LYS B 191 -24.30 -0.80 -33.57
N LEU B 192 -24.79 -0.56 -32.35
CA LEU B 192 -24.20 0.44 -31.46
C LEU B 192 -23.07 -0.08 -30.57
N GLY B 193 -22.71 -1.35 -30.72
CA GLY B 193 -21.50 -1.90 -30.10
C GLY B 193 -21.63 -2.39 -28.67
N LEU B 194 -22.84 -2.82 -28.29
CA LEU B 194 -23.06 -3.42 -26.98
C LEU B 194 -22.59 -4.89 -26.92
N GLY B 195 -22.40 -5.52 -28.08
CA GLY B 195 -21.94 -6.90 -28.13
C GLY B 195 -23.00 -7.84 -27.60
N TYR B 196 -22.61 -8.72 -26.69
CA TYR B 196 -23.52 -9.75 -26.17
C TYR B 196 -24.61 -9.16 -25.25
N ARG B 197 -24.29 -8.01 -24.67
CA ARG B 197 -25.18 -7.30 -23.75
C ARG B 197 -26.44 -6.80 -24.44
N ALA B 198 -26.38 -6.62 -25.76
CA ALA B 198 -27.54 -6.21 -26.53
C ALA B 198 -28.70 -7.20 -26.39
N ARG B 199 -28.40 -8.49 -26.31
CA ARG B 199 -29.46 -9.48 -26.13
C ARG B 199 -30.03 -9.44 -24.72
N TYR B 200 -29.15 -9.23 -23.73
CA TYR B 200 -29.58 -9.14 -22.35
C TYR B 200 -30.51 -7.94 -22.13
N VAL B 201 -30.19 -6.82 -22.74
CA VAL B 201 -31.03 -5.62 -22.66
C VAL B 201 -32.41 -5.93 -23.20
N ARG B 202 -32.49 -6.40 -24.43
CA ARG B 202 -33.77 -6.72 -25.06
C ARG B 202 -34.53 -7.81 -24.31
N ALA B 203 -33.84 -8.85 -23.90
CA ALA B 203 -34.49 -9.99 -23.23
C ALA B 203 -35.04 -9.59 -21.85
N SER B 204 -34.27 -8.82 -21.10
CA SER B 204 -34.75 -8.33 -19.79
C SER B 204 -35.93 -7.37 -19.93
N ALA B 205 -35.85 -6.48 -20.91
CA ALA B 205 -36.97 -5.60 -21.24
C ALA B 205 -38.22 -6.43 -21.53
N LYS B 206 -38.10 -7.40 -22.44
CA LYS B 206 -39.21 -8.33 -22.73
C LYS B 206 -39.74 -9.04 -21.49
N ALA B 207 -38.82 -9.61 -20.71
CA ALA B 207 -39.18 -10.35 -19.51
C ALA B 207 -39.98 -9.51 -18.52
N ILE B 208 -39.57 -8.26 -18.31
CA ILE B 208 -40.28 -7.42 -17.36
C ILE B 208 -41.68 -7.09 -17.88
N LEU B 209 -41.78 -6.68 -19.14
CA LEU B 209 -43.08 -6.37 -19.75
C LEU B 209 -44.04 -7.57 -19.80
N GLU B 210 -43.60 -8.65 -20.42
CA GLU B 210 -44.46 -9.81 -20.64
C GLU B 210 -44.67 -10.65 -19.38
N GLU B 211 -43.58 -11.09 -18.76
CA GLU B 211 -43.68 -11.99 -17.62
C GLU B 211 -44.01 -11.32 -16.29
N GLN B 212 -43.39 -10.17 -16.00
CA GLN B 212 -43.43 -9.59 -14.66
C GLN B 212 -44.42 -8.41 -14.49
N GLY B 213 -45.15 -8.07 -15.55
CA GLY B 213 -46.20 -7.05 -15.46
C GLY B 213 -45.76 -5.59 -15.51
N GLY B 214 -44.70 -5.30 -16.25
CA GLY B 214 -44.30 -3.91 -16.55
C GLY B 214 -43.42 -3.20 -15.51
N PRO B 215 -43.23 -1.89 -15.68
CA PRO B 215 -42.39 -1.06 -14.80
C PRO B 215 -42.74 -1.12 -13.30
N ALA B 216 -44.01 -1.32 -12.99
CA ALA B 216 -44.45 -1.41 -11.59
C ALA B 216 -43.76 -2.55 -10.82
N TRP B 217 -43.36 -3.61 -11.53
CA TRP B 217 -42.61 -4.71 -10.94
C TRP B 217 -41.33 -4.27 -10.23
N LEU B 218 -40.57 -3.36 -10.87
CA LEU B 218 -39.34 -2.84 -10.28
C LEU B 218 -39.62 -1.98 -9.04
N GLN B 219 -40.72 -1.24 -9.06
CA GLN B 219 -41.18 -0.50 -7.88
C GLN B 219 -41.53 -1.44 -6.73
N GLN B 220 -42.07 -2.61 -7.04
CA GLN B 220 -42.37 -3.60 -6.00
C GLN B 220 -41.07 -4.05 -5.32
N LEU B 221 -40.02 -4.22 -6.12
CA LEU B 221 -38.73 -4.67 -5.61
C LEU B 221 -38.12 -3.63 -4.67
N ARG B 222 -38.39 -2.37 -4.95
CA ARG B 222 -37.97 -1.26 -4.09
C ARG B 222 -38.59 -1.33 -2.69
N VAL B 223 -39.87 -1.71 -2.64
CA VAL B 223 -40.58 -1.90 -1.37
C VAL B 223 -40.23 -3.26 -0.78
N ALA B 224 -40.07 -4.27 -1.62
CA ALA B 224 -39.78 -5.63 -1.15
C ALA B 224 -38.47 -5.67 -0.35
N PRO B 225 -38.37 -6.60 0.61
CA PRO B 225 -37.10 -6.77 1.34
C PRO B 225 -35.94 -7.22 0.46
N TYR B 226 -34.73 -6.95 0.92
CA TYR B 226 -33.49 -7.14 0.16
C TYR B 226 -33.34 -8.51 -0.48
N GLU B 227 -33.54 -9.56 0.30
CA GLU B 227 -33.27 -10.92 -0.16
C GLU B 227 -34.21 -11.28 -1.29
N GLU B 228 -35.46 -10.84 -1.16
CA GLU B 228 -36.47 -11.11 -2.16
C GLU B 228 -36.15 -10.40 -3.49
N ALA B 229 -35.84 -9.11 -3.39
CA ALA B 229 -35.50 -8.29 -4.56
C ALA B 229 -34.29 -8.82 -5.31
N HIS B 230 -33.24 -9.21 -4.59
CA HIS B 230 -32.02 -9.74 -5.21
C HIS B 230 -32.30 -11.01 -6.00
N LYS B 231 -33.04 -11.93 -5.39
CA LYS B 231 -33.41 -13.16 -6.07
C LYS B 231 -34.25 -12.87 -7.31
N ALA B 232 -35.20 -11.94 -7.21
CA ALA B 232 -36.05 -11.59 -8.34
C ALA B 232 -35.21 -11.01 -9.49
N LEU B 233 -34.28 -10.10 -9.17
CA LEU B 233 -33.40 -9.51 -10.19
C LEU B 233 -32.55 -10.58 -10.89
N CYS B 234 -32.10 -11.59 -10.15
CA CYS B 234 -31.21 -12.63 -10.70
C CYS B 234 -31.89 -13.55 -11.70
N THR B 235 -33.23 -13.54 -11.73
CA THR B 235 -33.97 -14.28 -12.74
C THR B 235 -33.98 -13.57 -14.09
N LEU B 236 -33.43 -12.37 -14.18
CA LEU B 236 -33.40 -11.63 -15.45
C LEU B 236 -32.17 -11.98 -16.27
N PRO B 237 -32.32 -12.04 -17.60
CA PRO B 237 -31.18 -12.19 -18.52
C PRO B 237 -30.11 -11.12 -18.30
N GLY B 238 -28.88 -11.55 -18.05
CA GLY B 238 -27.74 -10.63 -17.96
C GLY B 238 -27.48 -10.11 -16.56
N VAL B 239 -28.26 -10.59 -15.59
CA VAL B 239 -28.20 -10.11 -14.23
C VAL B 239 -27.74 -11.24 -13.31
N GLY B 240 -26.51 -11.14 -12.84
CA GLY B 240 -25.97 -12.03 -11.81
C GLY B 240 -26.00 -11.37 -10.46
N ALA B 241 -25.37 -11.99 -9.48
CA ALA B 241 -25.39 -11.49 -8.10
C ALA B 241 -24.85 -10.08 -7.97
N LYS B 242 -23.76 -9.80 -8.69
CA LYS B 242 -23.12 -8.49 -8.64
C LYS B 242 -24.02 -7.36 -9.14
N VAL B 243 -24.58 -7.54 -10.32
CA VAL B 243 -25.46 -6.53 -10.92
C VAL B 243 -26.72 -6.36 -10.05
N ALA B 244 -27.30 -7.47 -9.61
CA ALA B 244 -28.48 -7.39 -8.75
C ALA B 244 -28.21 -6.61 -7.46
N ASP B 245 -27.04 -6.83 -6.85
CA ASP B 245 -26.64 -6.06 -5.67
C ASP B 245 -26.42 -4.57 -6.00
N CYS B 246 -25.82 -4.28 -7.15
CA CYS B 246 -25.69 -2.89 -7.59
C CYS B 246 -27.04 -2.21 -7.67
N ILE B 247 -28.03 -2.89 -8.23
CA ILE B 247 -29.33 -2.32 -8.46
C ILE B 247 -30.04 -2.15 -7.11
N CYS B 248 -29.95 -3.20 -6.28
CA CYS B 248 -30.47 -3.17 -4.93
C CYS B 248 -30.00 -1.97 -4.18
N LEU B 249 -28.68 -1.76 -4.20
CA LEU B 249 -28.06 -0.67 -3.47
C LEU B 249 -28.34 0.73 -4.05
N MET B 250 -28.34 0.83 -5.38
CA MET B 250 -28.38 2.13 -6.04
C MET B 250 -29.77 2.58 -6.48
N ALA B 251 -30.73 1.67 -6.53
CA ALA B 251 -32.07 2.00 -7.01
C ALA B 251 -33.21 1.46 -6.15
N LEU B 252 -32.98 0.36 -5.43
CA LEU B 252 -34.04 -0.27 -4.64
C LEU B 252 -33.95 -0.05 -3.12
N ASP B 253 -33.23 1.00 -2.71
CA ASP B 253 -33.14 1.39 -1.30
C ASP B 253 -32.74 0.24 -0.37
N LYS B 254 -31.74 -0.54 -0.78
CA LYS B 254 -31.12 -1.55 0.09
C LYS B 254 -29.70 -1.09 0.42
N PRO B 255 -29.54 -0.20 1.41
CA PRO B 255 -28.20 0.31 1.71
C PRO B 255 -27.23 -0.74 2.24
N GLN B 256 -27.74 -1.91 2.62
CA GLN B 256 -26.91 -2.99 3.15
C GLN B 256 -26.35 -3.88 2.04
N ALA B 257 -26.84 -3.69 0.81
CA ALA B 257 -26.36 -4.48 -0.32
C ALA B 257 -24.90 -4.12 -0.58
N VAL B 258 -24.09 -5.13 -0.81
CA VAL B 258 -22.66 -4.97 -1.01
C VAL B 258 -22.29 -5.77 -2.25
N PRO B 259 -22.19 -5.09 -3.42
CA PRO B 259 -21.81 -5.78 -4.65
C PRO B 259 -20.41 -6.35 -4.55
N VAL B 260 -20.24 -7.62 -4.90
CA VAL B 260 -18.93 -8.28 -4.82
C VAL B 260 -18.43 -8.70 -6.21
N ASP B 261 -17.28 -8.18 -6.59
CA ASP B 261 -16.57 -8.59 -7.80
C ASP B 261 -15.10 -8.74 -7.46
N VAL B 262 -14.28 -8.96 -8.47
CA VAL B 262 -12.86 -9.23 -8.24
C VAL B 262 -12.13 -8.06 -7.54
N HIS B 263 -12.63 -6.82 -7.68
CA HIS B 263 -12.03 -5.65 -7.04
C HIS B 263 -12.32 -5.55 -5.56
N VAL B 264 -13.53 -5.95 -5.17
CA VAL B 264 -13.88 -5.97 -3.76
C VAL B 264 -13.04 -7.03 -3.06
N TRP B 265 -12.85 -8.16 -3.72
CA TRP B 265 -11.98 -9.26 -3.25
C TRP B 265 -10.57 -8.79 -2.96
N GLN B 266 -10.01 -8.06 -3.90
CA GLN B 266 -8.69 -7.42 -3.75
C GLN B 266 -8.61 -6.57 -2.46
N ILE B 267 -9.53 -5.62 -2.30
CA ILE B 267 -9.55 -4.77 -1.11
C ILE B 267 -9.74 -5.57 0.17
N ALA B 268 -10.70 -6.50 0.17
CA ALA B 268 -10.94 -7.35 1.34
C ALA B 268 -9.67 -8.09 1.73
N HIS B 269 -9.02 -8.68 0.75
CA HIS B 269 -7.86 -9.49 1.03
C HIS B 269 -6.69 -8.61 1.47
N ARG B 270 -6.36 -7.60 0.68
CA ARG B 270 -5.20 -6.75 0.98
C ARG B 270 -5.40 -5.95 2.28
N ASP B 271 -6.53 -5.28 2.43
CA ASP B 271 -6.74 -4.29 3.50
C ASP B 271 -7.38 -4.81 4.79
N TYR B 272 -8.11 -5.94 4.71
CA TYR B 272 -8.70 -6.56 5.90
C TYR B 272 -8.16 -7.97 6.19
N GLY B 273 -7.26 -8.47 5.35
CA GLY B 273 -6.69 -9.80 5.56
C GLY B 273 -7.70 -10.91 5.46
N TRP B 274 -8.68 -10.74 4.58
CA TRP B 274 -9.80 -11.66 4.48
C TRP B 274 -9.56 -12.80 3.50
N HIS B 275 -9.89 -14.01 3.93
CA HIS B 275 -10.04 -15.16 3.02
C HIS B 275 -11.37 -15.86 3.34
N PRO B 276 -11.94 -16.56 2.35
CA PRO B 276 -13.18 -17.28 2.61
C PRO B 276 -12.95 -18.54 3.45
N LYS B 277 -14.00 -18.99 4.13
CA LYS B 277 -13.97 -20.25 4.86
C LYS B 277 -14.51 -21.37 3.96
N THR B 278 -13.69 -21.83 3.02
CA THR B 278 -14.06 -22.93 2.10
C THR B 278 -12.89 -23.92 1.95
N GLY B 283 -10.36 -18.17 -4.67
CA GLY B 283 -10.83 -17.27 -5.73
C GLY B 283 -12.35 -17.16 -5.78
N PRO B 284 -12.87 -16.11 -6.45
CA PRO B 284 -14.31 -15.86 -6.55
C PRO B 284 -15.15 -17.10 -6.91
N SER B 285 -16.21 -17.31 -6.14
CA SER B 285 -17.24 -18.31 -6.44
C SER B 285 -18.56 -17.79 -5.85
N PRO B 286 -19.71 -18.34 -6.30
CA PRO B 286 -21.00 -17.82 -5.82
C PRO B 286 -21.09 -17.69 -4.30
N LEU B 287 -20.73 -18.76 -3.59
CA LEU B 287 -20.83 -18.78 -2.12
C LEU B 287 -19.80 -17.89 -1.41
N ALA B 288 -18.56 -17.89 -1.88
CA ALA B 288 -17.52 -17.06 -1.27
C ALA B 288 -17.83 -15.56 -1.42
N ASN B 289 -18.38 -15.17 -2.57
CA ASN B 289 -18.84 -13.80 -2.79
C ASN B 289 -19.95 -13.39 -1.81
N LYS B 290 -20.92 -14.28 -1.61
CA LYS B 290 -21.97 -14.04 -0.63
C LYS B 290 -21.38 -13.85 0.77
N GLU B 291 -20.46 -14.74 1.16
CA GLU B 291 -19.80 -14.65 2.48
C GLU B 291 -19.10 -13.32 2.63
N LEU B 292 -18.45 -12.85 1.56
CA LEU B 292 -17.76 -11.56 1.63
C LEU B 292 -18.72 -10.38 1.84
N GLY B 293 -19.92 -10.42 1.24
CA GLY B 293 -20.93 -9.39 1.52
C GLY B 293 -21.35 -9.38 3.00
N ASN B 294 -21.55 -10.57 3.54
CA ASN B 294 -21.86 -10.76 4.95
C ASN B 294 -20.75 -10.18 5.80
N PHE B 295 -19.50 -10.47 5.42
CA PHE B 295 -18.36 -9.90 6.13
C PHE B 295 -18.50 -8.39 6.32
N PHE B 296 -18.77 -7.66 5.24
CA PHE B 296 -18.84 -6.19 5.32
C PHE B 296 -20.13 -5.67 5.97
N ARG B 297 -21.22 -6.42 5.81
CA ARG B 297 -22.43 -6.12 6.56
C ARG B 297 -22.14 -6.28 8.05
N ASN B 298 -21.47 -7.36 8.45
CA ASN B 298 -21.06 -7.50 9.85
C ASN B 298 -20.11 -6.42 10.31
N LEU B 299 -19.17 -6.02 9.46
CA LEU B 299 -18.19 -5.01 9.84
C LEU B 299 -18.82 -3.62 9.97
N TRP B 300 -19.55 -3.19 8.95
CA TRP B 300 -20.02 -1.80 8.87
C TRP B 300 -21.49 -1.60 9.25
N GLY B 301 -22.29 -2.66 9.22
CA GLY B 301 -23.70 -2.55 9.60
C GLY B 301 -24.64 -2.28 8.43
N PRO B 302 -25.79 -1.62 8.70
CA PRO B 302 -26.88 -1.58 7.73
C PRO B 302 -26.68 -0.66 6.52
N TYR B 303 -25.69 0.22 6.58
CA TYR B 303 -25.33 1.03 5.42
C TYR B 303 -23.98 0.56 4.81
N ALA B 304 -23.79 -0.75 4.72
CA ALA B 304 -22.50 -1.31 4.29
C ALA B 304 -22.15 -0.96 2.84
N GLY B 305 -23.17 -0.91 1.98
CA GLY B 305 -22.97 -0.56 0.58
C GLY B 305 -22.47 0.86 0.43
N TRP B 306 -22.94 1.73 1.31
CA TRP B 306 -22.50 3.13 1.30
C TRP B 306 -21.04 3.23 1.71
N ALA B 307 -20.64 2.46 2.73
CA ALA B 307 -19.25 2.49 3.19
C ALA B 307 -18.31 1.97 2.13
N GLN B 308 -18.75 0.95 1.40
CA GLN B 308 -17.95 0.38 0.31
C GLN B 308 -17.70 1.43 -0.77
N ALA B 309 -18.71 2.28 -1.02
CA ALA B 309 -18.59 3.30 -2.06
C ALA B 309 -17.52 4.33 -1.70
N VAL B 310 -17.38 4.65 -0.40
CA VAL B 310 -16.31 5.53 0.07
C VAL B 310 -14.93 4.88 -0.15
N LEU B 311 -14.81 3.60 0.15
CA LEU B 311 -13.56 2.88 -0.10
C LEU B 311 -13.22 2.79 -1.58
N PHE B 312 -14.19 2.44 -2.41
CA PHE B 312 -13.98 2.47 -3.86
C PHE B 312 -13.49 3.84 -4.34
N SER B 313 -14.17 4.90 -3.94
CA SER B 313 -13.77 6.26 -4.31
C SER B 313 -12.34 6.56 -3.91
N ALA B 314 -12.01 6.28 -2.65
CA ALA B 314 -10.67 6.53 -2.11
C ALA B 314 -9.57 5.71 -2.78
N ASP B 315 -9.88 4.47 -3.15
CA ASP B 315 -8.90 3.59 -3.83
C ASP B 315 -8.46 4.19 -5.16
N LEU B 316 -9.44 4.56 -5.99
CA LEU B 316 -9.20 5.15 -7.30
C LEU B 316 -8.67 6.59 -7.25
N ARG B 317 -8.74 7.20 -6.06
CA ARG B 317 -8.30 8.59 -5.85
C ARG B 317 -9.14 9.58 -6.65
N GLY C 1 5.04 29.43 47.74
CA GLY C 1 6.20 29.74 46.85
C GLY C 1 5.69 30.10 45.45
N SER C 2 6.60 30.50 44.57
CA SER C 2 6.21 31.00 43.26
C SER C 2 5.61 29.92 42.36
N HIS C 3 4.74 30.35 41.45
CA HIS C 3 4.28 29.51 40.38
C HIS C 3 5.47 29.00 39.57
N MET C 4 5.51 27.69 39.33
CA MET C 4 6.62 27.12 38.58
C MET C 4 6.14 26.65 37.23
N ARG C 5 7.03 26.83 36.25
CA ARG C 5 6.72 26.52 34.85
C ARG C 5 7.62 25.42 34.36
N HIS C 6 7.17 24.71 33.32
CA HIS C 6 8.02 23.72 32.65
C HIS C 6 9.22 24.44 32.07
N ARG C 7 10.41 23.88 32.26
CA ARG C 7 11.65 24.46 31.72
C ARG C 7 11.81 24.17 30.22
N THR C 8 12.49 25.09 29.54
CA THR C 8 13.01 24.85 28.20
C THR C 8 14.55 24.98 28.23
N LEU C 9 15.22 24.45 27.21
CA LEU C 9 16.68 24.38 27.20
C LEU C 9 17.32 25.77 27.07
N SER C 10 16.71 26.65 26.29
CA SER C 10 17.22 28.01 26.13
C SER C 10 17.03 28.84 27.42
N SER C 11 16.00 28.52 28.20
CA SER C 11 15.65 29.31 29.37
C SER C 11 16.61 29.08 30.56
N SER C 12 16.94 27.83 30.86
CA SER C 12 17.68 27.53 32.10
C SER C 12 18.85 26.55 31.95
N PRO C 13 19.76 26.79 30.98
CA PRO C 13 20.79 25.82 30.58
C PRO C 13 21.65 25.23 31.71
N ALA C 14 21.77 25.93 32.83
CA ALA C 14 22.57 25.43 33.97
C ALA C 14 21.88 24.26 34.67
N LEU C 15 20.54 24.29 34.70
CA LEU C 15 19.76 23.20 35.28
C LEU C 15 19.66 21.95 34.38
N TRP C 16 20.28 21.98 33.20
CA TRP C 16 20.26 20.85 32.28
C TRP C 16 21.60 20.16 32.20
N ALA C 17 21.56 18.88 31.89
CA ALA C 17 22.75 18.10 31.59
C ALA C 17 22.52 17.46 30.24
N SER C 18 23.54 16.78 29.73
CA SER C 18 23.44 16.17 28.41
C SER C 18 23.99 14.77 28.39
N ILE C 19 23.43 13.97 27.50
CA ILE C 19 23.93 12.64 27.22
C ILE C 19 24.27 12.61 25.74
N PRO C 20 25.53 12.26 25.40
CA PRO C 20 25.84 12.14 23.98
C PRO C 20 24.96 11.08 23.37
N CYS C 21 24.23 11.44 22.32
CA CYS C 21 23.23 10.55 21.76
C CYS C 21 22.70 11.11 20.45
N PRO C 22 23.06 10.48 19.33
CA PRO C 22 22.57 11.02 18.07
C PRO C 22 21.09 10.71 17.84
N ARG C 23 20.42 11.53 17.02
CA ARG C 23 19.01 11.32 16.71
C ARG C 23 18.72 9.99 16.01
N SER C 24 19.70 9.44 15.30
CA SER C 24 19.55 8.11 14.71
C SER C 24 19.44 7.02 15.78
N GLU C 25 19.96 7.27 16.97
CA GLU C 25 19.83 6.32 18.09
C GLU C 25 18.55 6.51 18.91
N LEU C 26 17.97 7.70 18.86
CA LEU C 26 16.80 8.02 19.66
C LEU C 26 16.06 9.25 19.14
N ARG C 27 14.84 9.06 18.67
CA ARG C 27 13.93 10.16 18.41
C ARG C 27 12.84 10.16 19.49
N LEU C 28 12.93 11.13 20.39
CA LEU C 28 11.94 11.31 21.47
C LEU C 28 10.51 11.36 20.95
N ASP C 29 10.30 12.05 19.84
CA ASP C 29 8.96 12.24 19.29
C ASP C 29 8.34 10.96 18.73
N LEU C 30 9.17 9.97 18.41
CA LEU C 30 8.66 8.67 17.99
C LEU C 30 8.50 7.72 19.17
N VAL C 31 9.25 7.93 20.27
CA VAL C 31 9.31 6.96 21.36
C VAL C 31 8.42 7.28 22.58
N LEU C 32 8.22 8.56 22.90
CA LEU C 32 7.62 8.92 24.18
C LEU C 32 6.10 8.90 24.25
N ALA C 33 5.40 9.25 23.18
CA ALA C 33 3.93 9.15 23.19
C ALA C 33 3.41 8.24 22.09
N SER C 34 4.06 7.08 21.98
CA SER C 34 3.82 6.12 20.89
C SER C 34 3.04 4.87 21.32
N GLY C 35 2.53 4.85 22.55
CA GLY C 35 1.90 3.66 23.10
C GLY C 35 2.80 2.72 23.89
N GLN C 36 4.05 3.08 24.16
CA GLN C 36 4.87 2.33 25.12
C GLN C 36 4.60 2.86 26.54
N SER C 37 4.81 4.16 26.71
CA SER C 37 4.54 4.86 27.96
C SER C 37 3.42 5.85 27.75
N PHE C 38 2.62 6.06 28.78
CA PHE C 38 1.47 6.97 28.68
C PHE C 38 1.63 8.20 29.57
N ARG C 39 2.87 8.44 30.00
CA ARG C 39 3.18 9.48 30.99
C ARG C 39 4.01 10.62 30.42
N TRP C 40 4.26 10.65 29.11
CA TRP C 40 5.05 11.72 28.55
C TRP C 40 4.17 12.61 27.73
N LYS C 41 4.39 13.91 27.83
CA LYS C 41 3.64 14.86 27.04
C LYS C 41 4.54 16.00 26.57
N GLU C 42 4.33 16.45 25.35
CA GLU C 42 5.10 17.55 24.80
C GLU C 42 4.47 18.87 25.25
N GLN C 43 4.83 19.33 26.44
CA GLN C 43 4.18 20.50 27.05
C GLN C 43 4.59 21.80 26.36
N SER C 44 5.75 21.83 25.74
CA SER C 44 6.11 22.91 24.81
C SER C 44 6.89 22.29 23.66
N PRO C 45 6.98 23.00 22.52
CA PRO C 45 7.58 22.42 21.32
C PRO C 45 8.94 21.75 21.54
N ALA C 46 9.01 20.47 21.18
CA ALA C 46 10.22 19.65 21.27
C ALA C 46 10.70 19.34 22.71
N HIS C 47 9.86 19.62 23.71
CA HIS C 47 10.23 19.35 25.12
C HIS C 47 9.22 18.41 25.75
N TRP C 48 9.68 17.23 26.13
CA TRP C 48 8.83 16.19 26.66
C TRP C 48 8.95 16.12 28.18
N SER C 49 7.82 16.17 28.87
CA SER C 49 7.79 16.17 30.33
C SER C 49 6.94 15.02 30.85
N GLY C 50 7.47 14.33 31.85
CA GLY C 50 6.79 13.19 32.40
C GLY C 50 7.45 12.71 33.67
N VAL C 51 6.81 11.72 34.28
CA VAL C 51 7.24 11.16 35.55
C VAL C 51 8.02 9.86 35.32
N LEU C 52 9.28 9.87 35.76
CA LEU C 52 10.08 8.67 35.82
C LEU C 52 10.43 8.43 37.28
N ALA C 53 9.90 7.35 37.84
CA ALA C 53 10.25 6.91 39.18
C ALA C 53 10.14 8.01 40.22
N ASP C 54 8.94 8.58 40.36
CA ASP C 54 8.66 9.68 41.32
C ASP C 54 9.49 10.96 41.16
N GLN C 55 10.05 11.19 39.98
CA GLN C 55 10.66 12.47 39.66
C GLN C 55 10.10 12.93 38.33
N VAL C 56 9.79 14.22 38.22
CA VAL C 56 9.41 14.78 36.94
C VAL C 56 10.67 15.21 36.19
N TRP C 57 10.74 14.83 34.93
CA TRP C 57 11.83 15.22 34.04
C TRP C 57 11.29 15.99 32.86
N THR C 58 12.07 16.92 32.32
CA THR C 58 11.84 17.41 30.97
C THR C 58 13.02 17.00 30.06
N LEU C 59 12.69 16.57 28.83
CA LEU C 59 13.68 16.03 27.90
C LEU C 59 13.60 16.76 26.56
N THR C 60 14.77 17.02 25.97
CA THR C 60 14.84 17.57 24.63
C THR C 60 16.13 17.12 23.95
N GLN C 61 16.20 17.31 22.63
CA GLN C 61 17.36 16.81 21.93
C GLN C 61 17.77 17.67 20.74
N THR C 62 19.06 17.59 20.43
CA THR C 62 19.64 18.13 19.19
C THR C 62 19.99 16.92 18.34
N GLU C 63 20.65 17.14 17.20
CA GLU C 63 21.19 16.06 16.41
C GLU C 63 22.24 15.23 17.19
N ASP C 64 22.99 15.87 18.09
CA ASP C 64 24.12 15.23 18.79
C ASP C 64 23.83 14.80 20.22
N GLN C 65 22.93 15.52 20.90
CA GLN C 65 22.81 15.43 22.36
C GLN C 65 21.38 15.23 22.84
N LEU C 66 21.22 14.39 23.86
CA LEU C 66 19.97 14.30 24.62
C LEU C 66 20.10 15.19 25.86
N TYR C 67 19.35 16.28 25.89
CA TYR C 67 19.34 17.18 27.02
C TYR C 67 18.22 16.82 27.99
N CYS C 68 18.54 16.83 29.28
CA CYS C 68 17.55 16.49 30.30
C CYS C 68 17.68 17.32 31.57
N THR C 69 16.55 17.56 32.21
CA THR C 69 16.49 18.33 33.45
C THR C 69 15.46 17.72 34.41
N VAL C 70 15.77 17.74 35.71
CA VAL C 70 14.92 17.12 36.73
C VAL C 70 14.43 18.14 37.77
N TYR C 71 13.17 17.99 38.20
CA TYR C 71 12.56 18.91 39.17
C TYR C 71 12.55 18.24 40.54
N ARG C 72 13.01 18.93 41.56
CA ARG C 72 13.10 18.33 42.89
C ARG C 72 12.30 19.08 43.97
N GLY C 73 11.31 19.87 43.56
CA GLY C 73 10.36 20.48 44.50
C GLY C 73 9.94 21.89 44.16
N ASP C 74 10.87 22.83 44.32
CA ASP C 74 10.69 24.23 43.93
C ASP C 74 12.05 24.92 43.86
N ASP C 75 12.73 24.97 45.01
CA ASP C 75 14.08 25.53 45.09
C ASP C 75 14.74 25.05 46.37
N VAL C 78 17.48 23.75 43.71
CA VAL C 78 17.48 23.42 42.29
C VAL C 78 18.90 23.23 41.76
N SER C 79 19.14 22.09 41.11
CA SER C 79 20.43 21.78 40.52
C SER C 79 20.29 20.97 39.23
N ARG C 80 21.40 20.87 38.53
CA ARG C 80 21.58 19.98 37.39
C ARG C 80 21.26 18.53 37.83
N PRO C 81 20.90 17.64 36.89
CA PRO C 81 20.76 16.25 37.32
C PRO C 81 22.12 15.63 37.62
N THR C 82 22.18 14.78 38.64
CA THR C 82 23.44 14.12 39.02
C THR C 82 23.87 13.03 38.06
N LEU C 83 25.10 12.59 38.24
CA LEU C 83 25.68 11.46 37.52
C LEU C 83 24.84 10.17 37.69
N GLU C 84 24.26 9.99 38.89
CA GLU C 84 23.43 8.82 39.17
C GLU C 84 22.06 8.92 38.47
N GLU C 85 21.45 10.10 38.52
CA GLU C 85 20.17 10.34 37.84
C GLU C 85 20.28 10.23 36.32
N LEU C 86 21.40 10.68 35.76
CA LEU C 86 21.66 10.55 34.32
C LEU C 86 21.80 9.09 33.88
N GLU C 87 22.41 8.25 34.73
CA GLU C 87 22.52 6.82 34.44
C GLU C 87 21.16 6.13 34.50
N THR C 88 20.28 6.63 35.36
CA THR C 88 18.87 6.27 35.35
C THR C 88 18.24 6.54 33.97
N LEU C 89 18.51 7.72 33.42
CA LEU C 89 18.00 8.05 32.08
C LEU C 89 18.62 7.16 31.03
N HIS C 90 19.92 6.89 31.16
CA HIS C 90 20.65 6.01 30.22
C HIS C 90 20.02 4.60 30.16
N LYS C 91 19.68 4.03 31.31
CA LYS C 91 19.02 2.73 31.39
C LYS C 91 17.61 2.77 30.80
N TYR C 92 16.88 3.84 31.10
CA TYR C 92 15.51 4.02 30.64
C TYR C 92 15.41 3.92 29.12
N PHE C 93 16.33 4.57 28.41
CA PHE C 93 16.36 4.51 26.96
C PHE C 93 17.25 3.39 26.44
N GLN C 94 17.72 2.51 27.32
CA GLN C 94 18.57 1.38 26.94
C GLN C 94 19.61 1.77 25.90
N LEU C 95 20.41 2.78 26.23
CA LEU C 95 21.35 3.37 25.28
C LEU C 95 22.59 2.51 25.02
N ASP C 96 22.79 1.47 25.83
CA ASP C 96 23.77 0.41 25.51
C ASP C 96 23.50 -0.30 24.20
N VAL C 97 22.23 -0.34 23.80
CA VAL C 97 21.83 -1.04 22.59
C VAL C 97 22.04 -0.13 21.38
N SER C 98 22.89 -0.58 20.46
CA SER C 98 23.12 0.17 19.24
C SER C 98 22.00 -0.06 18.25
N LEU C 99 21.24 1.01 18.00
CA LEU C 99 20.17 0.98 17.04
C LEU C 99 20.71 0.92 15.60
N ALA C 100 21.88 1.53 15.37
CA ALA C 100 22.54 1.51 14.07
C ALA C 100 22.83 0.09 13.60
N GLN C 101 23.39 -0.72 14.50
CA GLN C 101 23.64 -2.13 14.24
C GLN C 101 22.34 -2.90 13.97
N LEU C 102 21.34 -2.67 14.83
CA LEU C 102 20.05 -3.38 14.70
C LEU C 102 19.35 -3.09 13.37
N TYR C 103 19.23 -1.82 13.04
CA TYR C 103 18.62 -1.40 11.76
C TYR C 103 19.35 -1.98 10.57
N SER C 104 20.68 -1.99 10.68
CA SER C 104 21.55 -2.57 9.66
C SER C 104 21.25 -4.06 9.50
N HIS C 105 21.22 -4.79 10.62
CA HIS C 105 20.89 -6.21 10.59
C HIS C 105 19.49 -6.47 10.03
N TRP C 106 18.47 -5.83 10.62
CA TRP C 106 17.09 -6.01 10.16
C TRP C 106 16.97 -5.70 8.66
N ALA C 107 17.56 -4.59 8.21
CA ALA C 107 17.49 -4.20 6.78
C ALA C 107 18.22 -5.20 5.86
N SER C 108 19.18 -5.94 6.40
CA SER C 108 19.93 -6.93 5.63
C SER C 108 19.17 -8.24 5.46
N VAL C 109 18.18 -8.49 6.31
CA VAL C 109 17.35 -9.70 6.22
C VAL C 109 15.92 -9.43 5.74
N ASP C 110 15.56 -8.16 5.58
CA ASP C 110 14.17 -7.77 5.35
C ASP C 110 14.10 -6.49 4.53
N SER C 111 13.83 -6.61 3.23
CA SER C 111 13.78 -5.46 2.33
C SER C 111 12.55 -4.58 2.54
N HIS C 112 11.50 -5.13 3.17
CA HIS C 112 10.34 -4.32 3.57
C HIS C 112 10.76 -3.33 4.66
N PHE C 113 11.43 -3.84 5.69
CA PHE C 113 11.95 -3.02 6.77
C PHE C 113 12.88 -1.94 6.20
N GLN C 114 13.75 -2.34 5.28
CA GLN C 114 14.69 -1.41 4.67
C GLN C 114 13.99 -0.16 4.12
N ARG C 115 12.92 -0.36 3.36
CA ARG C 115 12.17 0.76 2.77
C ARG C 115 11.50 1.60 3.84
N VAL C 116 10.71 0.94 4.67
CA VAL C 116 9.88 1.61 5.67
C VAL C 116 10.70 2.30 6.75
N ALA C 117 11.78 1.66 7.21
CA ALA C 117 12.58 2.18 8.32
C ALA C 117 13.35 3.47 8.03
N GLN C 118 13.82 3.67 6.79
CA GLN C 118 14.59 4.87 6.42
C GLN C 118 14.02 6.15 7.03
N LYS C 119 12.71 6.28 6.90
CA LYS C 119 11.97 7.44 7.40
C LYS C 119 11.80 7.46 8.93
N PHE C 120 12.02 6.33 9.59
CA PHE C 120 11.75 6.22 11.03
C PHE C 120 12.94 5.64 11.79
N GLN C 121 14.05 6.37 11.76
CA GLN C 121 15.20 6.09 12.60
C GLN C 121 14.91 6.51 14.04
N GLY C 122 15.69 5.98 14.97
CA GLY C 122 15.60 6.40 16.38
C GLY C 122 14.46 5.78 17.19
N VAL C 123 13.83 4.73 16.68
CA VAL C 123 12.78 4.03 17.42
C VAL C 123 13.38 2.91 18.24
N ARG C 124 13.28 3.01 19.56
CA ARG C 124 13.77 1.99 20.46
C ARG C 124 12.75 1.72 21.54
N LEU C 125 13.02 0.71 22.37
CA LEU C 125 12.11 0.37 23.45
C LEU C 125 12.57 1.01 24.74
N LEU C 126 11.63 1.68 25.40
CA LEU C 126 11.86 2.17 26.76
C LEU C 126 11.93 0.98 27.70
N ARG C 127 12.70 1.14 28.77
CA ARG C 127 12.82 0.13 29.84
C ARG C 127 11.97 0.59 31.02
N GLN C 128 10.73 0.13 31.05
CA GLN C 128 9.75 0.66 31.98
C GLN C 128 9.71 -0.13 33.28
N ASP C 129 9.09 0.47 34.28
CA ASP C 129 8.85 -0.19 35.54
C ASP C 129 7.79 -1.29 35.35
N PRO C 130 8.06 -2.51 35.83
CA PRO C 130 7.10 -3.62 35.72
C PRO C 130 5.71 -3.30 36.26
N THR C 131 5.63 -2.76 37.48
CA THR C 131 4.35 -2.46 38.11
C THR C 131 3.55 -1.49 37.24
N GLU C 132 4.15 -0.34 36.95
CA GLU C 132 3.47 0.67 36.14
C GLU C 132 3.06 0.13 34.78
N CYS C 133 3.93 -0.66 34.15
CA CYS C 133 3.64 -1.23 32.83
C CYS C 133 2.49 -2.23 32.90
N LEU C 134 2.55 -3.11 33.89
CA LEU C 134 1.49 -4.10 34.11
C LEU C 134 0.14 -3.42 34.24
N PHE C 135 0.02 -2.53 35.21
CA PHE C 135 -1.29 -1.93 35.53
C PHE C 135 -1.71 -0.86 34.55
N SER C 136 -0.78 -0.36 33.74
CA SER C 136 -1.12 0.49 32.60
C SER C 136 -1.77 -0.31 31.47
N PHE C 137 -1.28 -1.52 31.21
CA PHE C 137 -1.83 -2.35 30.12
C PHE C 137 -3.04 -3.20 30.56
N ILE C 138 -3.29 -3.31 31.86
CA ILE C 138 -4.51 -3.94 32.40
C ILE C 138 -5.73 -2.99 32.35
N CYS C 139 -5.48 -1.69 32.40
CA CYS C 139 -6.56 -0.69 32.42
C CYS C 139 -7.36 -0.63 31.11
N SER C 140 -6.66 -0.74 29.98
CA SER C 140 -7.23 -0.47 28.67
C SER C 140 -8.23 -1.52 28.18
N SER C 141 -8.85 -1.23 27.04
CA SER C 141 -9.68 -2.20 26.34
C SER C 141 -8.82 -3.02 25.38
N ASN C 143 -7.80 -1.18 22.30
CA ASN C 143 -6.99 -0.17 22.92
C ASN C 143 -7.10 1.18 22.21
N ASN C 144 -6.93 2.25 22.98
CA ASN C 144 -6.96 3.62 22.50
C ASN C 144 -5.97 4.40 23.35
N ILE C 145 -5.02 5.09 22.73
CA ILE C 145 -3.91 5.70 23.47
C ILE C 145 -4.38 6.88 24.33
N ALA C 146 -5.22 7.74 23.77
CA ALA C 146 -5.78 8.86 24.52
C ALA C 146 -6.53 8.38 25.76
N ARG C 147 -7.28 7.30 25.62
CA ARG C 147 -8.09 6.76 26.72
C ARG C 147 -7.21 6.18 27.82
N ILE C 148 -6.23 5.37 27.44
CA ILE C 148 -5.25 4.84 28.40
C ILE C 148 -4.55 5.98 29.13
N THR C 149 -4.15 7.02 28.38
CA THR C 149 -3.40 8.14 28.92
C THR C 149 -4.21 8.86 30.02
N GLY C 150 -5.51 9.04 29.76
CA GLY C 150 -6.42 9.65 30.73
C GLY C 150 -6.62 8.82 31.99
N MET C 151 -6.79 7.51 31.83
CA MET C 151 -7.01 6.63 32.98
C MET C 151 -5.79 6.59 33.90
N VAL C 152 -4.61 6.47 33.29
CA VAL C 152 -3.36 6.43 34.04
C VAL C 152 -3.14 7.72 34.80
N GLU C 153 -3.43 8.87 34.17
CA GLU C 153 -3.26 10.14 34.87
C GLU C 153 -4.23 10.21 36.05
N ARG C 154 -5.49 9.92 35.79
CA ARG C 154 -6.53 9.92 36.83
C ARG C 154 -6.22 8.94 37.94
N LEU C 155 -5.68 7.78 37.58
CA LEU C 155 -5.28 6.78 38.56
C LEU C 155 -4.15 7.30 39.46
N CYS C 156 -3.15 7.95 38.85
CA CYS C 156 -2.03 8.48 39.62
C CYS C 156 -2.47 9.65 40.52
N GLN C 157 -3.38 10.47 40.02
CA GLN C 157 -3.89 11.61 40.82
C GLN C 157 -4.71 11.14 42.03
N ALA C 158 -5.46 10.05 41.87
CA ALA C 158 -6.26 9.50 42.96
C ALA C 158 -5.41 8.70 43.95
N PHE C 159 -4.54 7.84 43.45
CA PHE C 159 -3.85 6.82 44.27
C PHE C 159 -2.37 7.08 44.54
N GLY C 160 -1.75 7.98 43.78
CA GLY C 160 -0.31 8.18 43.86
C GLY C 160 0.11 9.43 44.60
N PRO C 161 1.37 9.50 45.04
CA PRO C 161 1.87 10.68 45.73
C PRO C 161 1.98 11.90 44.81
N ARG C 162 1.52 13.05 45.30
CA ARG C 162 1.72 14.33 44.63
C ARG C 162 3.21 14.65 44.60
N LEU C 163 3.73 15.03 43.44
CA LEU C 163 5.15 15.32 43.29
C LEU C 163 5.40 16.81 43.17
N ILE C 164 4.75 17.45 42.21
CA ILE C 164 4.97 18.87 41.91
C ILE C 164 3.92 19.34 40.91
N GLN C 165 3.71 20.65 40.86
CA GLN C 165 2.90 21.28 39.82
C GLN C 165 3.78 22.16 38.91
N LEU C 166 3.64 21.99 37.61
CA LEU C 166 4.36 22.79 36.63
C LEU C 166 3.33 23.34 35.67
N ASP C 167 3.32 24.66 35.47
CA ASP C 167 2.21 25.33 34.78
C ASP C 167 0.91 24.86 35.43
N ASP C 168 -0.09 24.47 34.66
CA ASP C 168 -1.32 23.95 35.26
C ASP C 168 -1.34 22.41 35.34
N VAL C 169 -0.18 21.76 35.39
CA VAL C 169 -0.10 20.30 35.42
C VAL C 169 0.40 19.80 36.77
N THR C 170 -0.44 19.01 37.46
CA THR C 170 -0.07 18.41 38.74
C THR C 170 0.42 16.98 38.50
N TYR C 171 1.68 16.73 38.84
CA TYR C 171 2.31 15.46 38.59
C TYR C 171 2.26 14.59 39.84
N HIS C 172 1.81 13.34 39.65
CA HIS C 172 1.77 12.35 40.71
C HIS C 172 2.62 11.14 40.32
N GLY C 173 3.23 10.51 41.32
CA GLY C 173 3.91 9.24 41.13
C GLY C 173 2.92 8.12 40.84
N PHE C 174 3.42 7.01 40.31
CA PHE C 174 2.59 5.84 40.10
C PHE C 174 2.32 5.15 41.45
N PRO C 175 1.08 4.72 41.70
CA PRO C 175 0.79 4.12 43.00
C PRO C 175 1.55 2.82 43.28
N ASN C 176 1.83 2.57 44.56
CA ASN C 176 2.37 1.28 45.00
C ASN C 176 1.28 0.20 44.96
N LEU C 177 1.68 -1.05 45.10
CA LEU C 177 0.74 -2.17 45.05
C LEU C 177 -0.29 -2.12 46.19
N HIS C 178 0.17 -1.77 47.38
CA HIS C 178 -0.72 -1.59 48.56
C HIS C 178 -1.95 -0.73 48.24
N ALA C 179 -1.73 0.36 47.50
CA ALA C 179 -2.81 1.27 47.13
C ALA C 179 -3.83 0.64 46.18
N LEU C 180 -3.35 -0.22 45.28
CA LEU C 180 -4.22 -0.83 44.26
C LEU C 180 -4.94 -2.08 44.76
N ALA C 181 -4.42 -2.72 45.80
CA ALA C 181 -5.01 -3.92 46.38
C ALA C 181 -5.98 -3.64 47.54
N GLY C 182 -6.07 -2.39 47.99
CA GLY C 182 -6.87 -2.04 49.17
C GLY C 182 -8.36 -2.32 49.09
N PRO C 183 -9.07 -2.32 50.24
CA PRO C 183 -10.50 -2.64 50.32
C PRO C 183 -11.40 -1.84 49.37
N GLU C 184 -11.34 -0.52 49.44
CA GLU C 184 -12.18 0.35 48.60
C GLU C 184 -11.56 0.61 47.23
N ALA C 185 -10.48 -0.09 46.90
CA ALA C 185 -9.70 0.21 45.70
C ALA C 185 -10.47 -0.03 44.40
N GLU C 186 -11.29 -1.07 44.37
CA GLU C 186 -12.09 -1.37 43.18
C GLU C 186 -13.16 -0.30 42.97
N THR C 187 -13.84 0.08 44.05
CA THR C 187 -14.90 1.10 43.97
C THR C 187 -14.34 2.44 43.49
N HIS C 188 -13.22 2.85 44.07
CA HIS C 188 -12.56 4.08 43.65
C HIS C 188 -12.08 3.97 42.19
N LEU C 189 -11.57 2.79 41.81
CA LEU C 189 -11.13 2.54 40.42
C LEU C 189 -12.26 2.63 39.39
N ARG C 190 -13.42 2.02 39.69
CA ARG C 190 -14.62 2.17 38.85
C ARG C 190 -15.10 3.61 38.86
N LYS C 191 -14.89 4.31 39.99
CA LYS C 191 -15.18 5.76 40.06
C LYS C 191 -14.36 6.58 39.06
N LEU C 192 -13.18 6.08 38.67
CA LEU C 192 -12.36 6.71 37.63
C LEU C 192 -12.64 6.17 36.21
N GLY C 193 -13.56 5.20 36.08
CA GLY C 193 -14.10 4.77 34.77
C GLY C 193 -13.58 3.46 34.18
N LEU C 194 -12.91 2.63 34.98
CA LEU C 194 -12.27 1.40 34.46
C LEU C 194 -13.23 0.27 34.07
N GLY C 195 -14.45 0.30 34.58
CA GLY C 195 -15.41 -0.77 34.32
C GLY C 195 -15.07 -2.02 35.12
N TYR C 196 -15.43 -3.17 34.59
CA TYR C 196 -15.14 -4.44 35.25
C TYR C 196 -13.63 -4.70 35.40
N ARG C 197 -12.82 -4.09 34.53
CA ARG C 197 -11.37 -4.27 34.58
C ARG C 197 -10.75 -3.77 35.88
N ALA C 198 -11.46 -2.87 36.57
CA ALA C 198 -11.08 -2.45 37.92
C ALA C 198 -10.88 -3.62 38.88
N ARG C 199 -11.68 -4.68 38.69
CA ARG C 199 -11.56 -5.91 39.48
C ARG C 199 -10.22 -6.58 39.24
N TYR C 200 -9.82 -6.66 37.98
CA TYR C 200 -8.58 -7.31 37.61
C TYR C 200 -7.33 -6.51 37.99
N VAL C 201 -7.41 -5.18 37.98
CA VAL C 201 -6.34 -4.33 38.54
C VAL C 201 -6.09 -4.66 40.00
N ARG C 202 -7.16 -4.66 40.80
CA ARG C 202 -7.06 -4.93 42.24
C ARG C 202 -6.59 -6.35 42.54
N ALA C 203 -7.16 -7.32 41.82
CA ALA C 203 -6.86 -8.74 42.06
C ALA C 203 -5.40 -9.10 41.75
N SER C 204 -4.85 -8.50 40.70
CA SER C 204 -3.45 -8.71 40.37
C SER C 204 -2.52 -8.06 41.40
N ALA C 205 -2.89 -6.88 41.88
CA ALA C 205 -2.16 -6.21 42.96
C ALA C 205 -2.02 -7.12 44.19
N LYS C 206 -3.13 -7.70 44.64
CA LYS C 206 -3.11 -8.70 45.72
C LYS C 206 -2.19 -9.86 45.38
N ALA C 207 -2.47 -10.47 44.24
CA ALA C 207 -1.74 -11.65 43.77
C ALA C 207 -0.23 -11.46 43.86
N ILE C 208 0.26 -10.30 43.42
CA ILE C 208 1.70 -10.03 43.43
C ILE C 208 2.24 -9.87 44.85
N LEU C 209 1.44 -9.26 45.73
CA LEU C 209 1.85 -9.12 47.13
C LEU C 209 1.82 -10.48 47.86
N GLU C 210 0.63 -10.93 48.23
CA GLU C 210 0.50 -12.11 49.10
C GLU C 210 1.03 -13.40 48.45
N GLU C 211 0.46 -13.78 47.31
CA GLU C 211 0.80 -15.03 46.62
C GLU C 211 2.30 -15.14 46.26
N GLN C 212 2.91 -14.02 45.83
CA GLN C 212 4.27 -14.05 45.31
C GLN C 212 5.33 -13.45 46.25
N GLY C 213 4.91 -12.64 47.21
CA GLY C 213 5.84 -12.05 48.17
C GLY C 213 5.82 -10.53 48.12
N GLY C 214 6.27 -9.98 46.99
CA GLY C 214 6.25 -8.52 46.78
C GLY C 214 6.53 -8.12 45.33
N PRO C 215 6.68 -6.80 45.07
CA PRO C 215 7.08 -6.33 43.72
C PRO C 215 8.42 -6.87 43.24
N ALA C 216 9.25 -7.38 44.17
CA ALA C 216 10.46 -8.12 43.81
C ALA C 216 10.14 -9.32 42.91
N TRP C 217 8.96 -9.91 43.06
CA TRP C 217 8.54 -10.98 42.16
C TRP C 217 8.66 -10.56 40.70
N LEU C 218 8.14 -9.38 40.37
CA LEU C 218 8.21 -8.86 38.99
C LEU C 218 9.66 -8.63 38.57
N GLN C 219 10.49 -8.18 39.51
CA GLN C 219 11.93 -8.02 39.25
C GLN C 219 12.64 -9.36 38.95
N GLN C 220 12.16 -10.46 39.55
CA GLN C 220 12.73 -11.78 39.26
C GLN C 220 12.43 -12.22 37.82
N LEU C 221 11.23 -11.89 37.33
CA LEU C 221 10.84 -12.24 35.95
C LEU C 221 11.76 -11.58 34.93
N ARG C 222 12.30 -10.42 35.31
CA ARG C 222 13.25 -9.70 34.49
C ARG C 222 14.57 -10.49 34.34
N VAL C 223 14.89 -11.34 35.31
CA VAL C 223 16.07 -12.24 35.24
C VAL C 223 15.72 -13.59 34.62
N ALA C 224 14.54 -14.11 34.93
CA ALA C 224 14.05 -15.34 34.30
C ALA C 224 14.00 -15.22 32.79
N PRO C 225 14.15 -16.35 32.06
CA PRO C 225 14.04 -16.29 30.59
C PRO C 225 12.63 -15.93 30.14
N TYR C 226 12.55 -15.44 28.91
CA TYR C 226 11.29 -15.01 28.28
C TYR C 226 10.14 -15.98 28.49
N GLU C 227 10.41 -17.27 28.34
CA GLU C 227 9.37 -18.32 28.38
C GLU C 227 8.72 -18.41 29.76
N GLU C 228 9.55 -18.45 30.80
CA GLU C 228 9.08 -18.52 32.18
C GLU C 228 8.40 -17.22 32.62
N ALA C 229 8.90 -16.09 32.11
CA ALA C 229 8.34 -14.79 32.46
C ALA C 229 6.95 -14.67 31.89
N HIS C 230 6.81 -15.02 30.62
CA HIS C 230 5.53 -14.93 29.93
C HIS C 230 4.46 -15.78 30.61
N LYS C 231 4.82 -17.03 30.91
CA LYS C 231 3.88 -17.94 31.57
C LYS C 231 3.49 -17.41 32.95
N ALA C 232 4.48 -16.98 33.73
CA ALA C 232 4.21 -16.40 35.06
C ALA C 232 3.20 -15.23 35.01
N LEU C 233 3.39 -14.32 34.05
CA LEU C 233 2.48 -13.19 33.89
C LEU C 233 1.06 -13.63 33.47
N CYS C 234 0.97 -14.71 32.73
CA CYS C 234 -0.32 -15.24 32.29
C CYS C 234 -1.15 -15.88 33.41
N THR C 235 -0.55 -16.11 34.57
CA THR C 235 -1.30 -16.55 35.75
C THR C 235 -2.07 -15.41 36.41
N LEU C 236 -1.74 -14.18 36.07
CA LEU C 236 -2.33 -13.02 36.71
C LEU C 236 -3.73 -12.73 36.17
N PRO C 237 -4.67 -12.37 37.06
CA PRO C 237 -5.99 -11.96 36.62
C PRO C 237 -5.93 -10.81 35.62
N GLY C 238 -6.71 -10.90 34.56
CA GLY C 238 -6.77 -9.85 33.54
C GLY C 238 -5.63 -9.81 32.54
N VAL C 239 -4.71 -10.78 32.60
CA VAL C 239 -3.50 -10.75 31.78
C VAL C 239 -3.46 -11.96 30.84
N GLY C 240 -3.50 -11.69 29.54
CA GLY C 240 -3.39 -12.74 28.52
C GLY C 240 -2.10 -12.65 27.71
N ALA C 241 -2.06 -13.43 26.63
CA ALA C 241 -0.85 -13.60 25.83
C ALA C 241 -0.27 -12.28 25.33
N LYS C 242 -1.12 -11.40 24.82
CA LYS C 242 -0.68 -10.15 24.23
C LYS C 242 -0.08 -9.19 25.27
N VAL C 243 -0.80 -9.02 26.37
CA VAL C 243 -0.38 -8.11 27.43
C VAL C 243 0.89 -8.63 28.11
N ALA C 244 0.98 -9.95 28.27
CA ALA C 244 2.18 -10.56 28.85
C ALA C 244 3.39 -10.28 27.94
N ASP C 245 3.16 -10.38 26.64
CA ASP C 245 4.20 -10.11 25.65
C ASP C 245 4.63 -8.64 25.67
N CYS C 246 3.68 -7.74 25.89
CA CYS C 246 3.99 -6.31 25.99
C CYS C 246 4.88 -6.04 27.19
N ILE C 247 4.44 -6.54 28.35
CA ILE C 247 5.20 -6.38 29.57
C ILE C 247 6.63 -6.94 29.37
N CYS C 248 6.73 -8.14 28.81
CA CYS C 248 8.04 -8.75 28.56
C CYS C 248 8.94 -7.85 27.71
N LEU C 249 8.38 -7.33 26.62
CA LEU C 249 9.14 -6.50 25.72
C LEU C 249 9.53 -5.18 26.35
N MET C 250 8.59 -4.58 27.08
CA MET C 250 8.69 -3.20 27.55
C MET C 250 9.24 -3.00 28.97
N ALA C 251 9.14 -4.03 29.82
CA ALA C 251 9.56 -3.90 31.22
C ALA C 251 10.46 -5.02 31.75
N LEU C 252 10.54 -6.17 31.07
CA LEU C 252 11.28 -7.30 31.61
C LEU C 252 12.43 -7.76 30.73
N ASP C 253 12.98 -6.84 29.94
CA ASP C 253 14.18 -7.08 29.14
C ASP C 253 14.07 -8.33 28.24
N LYS C 254 12.94 -8.50 27.56
CA LYS C 254 12.75 -9.57 26.57
C LYS C 254 12.61 -8.93 25.18
N PRO C 255 13.73 -8.51 24.58
CA PRO C 255 13.64 -7.87 23.26
C PRO C 255 13.08 -8.75 22.14
N GLN C 256 13.02 -10.06 22.36
CA GLN C 256 12.52 -11.00 21.36
C GLN C 256 11.00 -11.17 21.42
N ALA C 257 10.36 -10.58 22.42
CA ALA C 257 8.92 -10.67 22.56
C ALA C 257 8.22 -9.90 21.47
N VAL C 258 7.22 -10.53 20.84
CA VAL C 258 6.48 -9.93 19.74
C VAL C 258 4.98 -9.98 20.10
N PRO C 259 4.46 -8.87 20.69
CA PRO C 259 3.03 -8.82 21.03
C PRO C 259 2.16 -8.90 19.79
N VAL C 260 1.26 -9.89 19.77
CA VAL C 260 0.42 -10.14 18.59
C VAL C 260 -1.03 -9.73 18.86
N ASP C 261 -1.58 -8.97 17.92
CA ASP C 261 -3.01 -8.66 17.89
C ASP C 261 -3.45 -8.53 16.42
N VAL C 262 -4.72 -8.21 16.20
CA VAL C 262 -5.28 -8.12 14.85
C VAL C 262 -4.51 -7.15 13.93
N HIS C 263 -3.86 -6.14 14.52
CA HIS C 263 -3.10 -5.15 13.76
C HIS C 263 -1.76 -5.71 13.25
N VAL C 264 -1.15 -6.58 14.02
CA VAL C 264 0.06 -7.29 13.61
C VAL C 264 -0.26 -8.27 12.47
N TRP C 265 -1.39 -8.98 12.59
CA TRP C 265 -1.87 -9.89 11.54
C TRP C 265 -1.98 -9.21 10.20
N GLN C 266 -2.45 -7.96 10.24
CA GLN C 266 -2.67 -7.18 9.03
C GLN C 266 -1.35 -6.83 8.36
N ILE C 267 -0.38 -6.40 9.16
CA ILE C 267 0.97 -6.11 8.64
C ILE C 267 1.57 -7.40 8.12
N ALA C 268 1.57 -8.44 8.96
CA ALA C 268 2.17 -9.71 8.59
C ALA C 268 1.60 -10.24 7.28
N HIS C 269 0.28 -10.19 7.15
CA HIS C 269 -0.39 -10.73 5.99
C HIS C 269 -0.21 -9.83 4.76
N ARG C 270 -0.46 -8.54 4.91
CA ARG C 270 -0.37 -7.64 3.76
C ARG C 270 1.07 -7.46 3.29
N ASP C 271 1.99 -7.25 4.24
CA ASP C 271 3.36 -6.85 3.90
C ASP C 271 4.37 -8.00 3.81
N TYR C 272 4.11 -9.10 4.51
CA TYR C 272 4.99 -10.28 4.46
C TYR C 272 4.35 -11.51 3.82
N GLY C 273 3.08 -11.40 3.42
CA GLY C 273 2.36 -12.49 2.79
C GLY C 273 2.16 -13.69 3.70
N TRP C 274 2.18 -13.47 5.02
CA TRP C 274 2.10 -14.57 5.98
C TRP C 274 0.67 -15.07 6.25
N HIS C 275 0.53 -16.39 6.34
CA HIS C 275 -0.66 -17.07 6.84
C HIS C 275 -0.16 -18.14 7.80
N PRO C 276 -1.01 -18.59 8.72
CA PRO C 276 -0.58 -19.71 9.58
C PRO C 276 -0.36 -21.01 8.79
N LYS C 277 0.81 -21.64 8.95
CA LYS C 277 1.12 -22.92 8.30
C LYS C 277 0.77 -24.11 9.19
N THR C 278 0.83 -23.90 10.51
CA THR C 278 0.59 -24.94 11.50
C THR C 278 -0.89 -25.05 11.86
N SER C 279 -1.56 -23.91 11.97
CA SER C 279 -2.99 -23.88 12.32
C SER C 279 -3.86 -24.01 11.08
N GLN C 280 -5.05 -24.58 11.27
CA GLN C 280 -6.00 -24.80 10.18
C GLN C 280 -6.74 -23.52 9.75
N ALA C 281 -7.06 -22.65 10.71
CA ALA C 281 -7.94 -21.50 10.47
C ALA C 281 -7.34 -20.46 9.52
N GLY C 283 -7.99 -17.19 11.16
CA GLY C 283 -7.78 -15.88 11.76
C GLY C 283 -7.06 -15.98 13.11
N PRO C 284 -6.88 -14.83 13.80
CA PRO C 284 -6.26 -14.75 15.13
C PRO C 284 -6.76 -15.80 16.14
N SER C 285 -5.82 -16.59 16.65
CA SER C 285 -6.11 -17.62 17.65
C SER C 285 -4.84 -17.87 18.46
N PRO C 286 -4.96 -18.42 19.68
CA PRO C 286 -3.77 -18.65 20.50
C PRO C 286 -2.60 -19.33 19.78
N LEU C 287 -2.88 -20.39 19.01
CA LEU C 287 -1.83 -21.14 18.30
C LEU C 287 -1.24 -20.35 17.13
N ALA C 288 -2.10 -19.80 16.29
CA ALA C 288 -1.67 -18.97 15.16
C ALA C 288 -0.89 -17.73 15.62
N ASN C 289 -1.33 -17.10 16.73
CA ASN C 289 -0.65 -15.90 17.26
C ASN C 289 0.77 -16.19 17.73
N LYS C 290 0.97 -17.34 18.36
CA LYS C 290 2.31 -17.77 18.75
C LYS C 290 3.18 -18.08 17.53
N GLU C 291 2.60 -18.76 16.54
CA GLU C 291 3.29 -19.01 15.28
C GLU C 291 3.74 -17.71 14.60
N LEU C 292 2.91 -16.66 14.67
CA LEU C 292 3.26 -15.40 14.04
C LEU C 292 4.42 -14.73 14.77
N GLY C 293 4.40 -14.81 16.09
CA GLY C 293 5.50 -14.32 16.89
C GLY C 293 6.80 -15.00 16.51
N ASN C 294 6.75 -16.34 16.37
CA ASN C 294 7.94 -17.11 15.99
C ASN C 294 8.40 -16.73 14.60
N PHE C 295 7.47 -16.38 13.72
CA PHE C 295 7.82 -15.94 12.37
C PHE C 295 8.72 -14.73 12.43
N PHE C 296 8.34 -13.72 13.21
CA PHE C 296 9.12 -12.50 13.31
C PHE C 296 10.44 -12.71 14.04
N ARG C 297 10.43 -13.51 15.10
CA ARG C 297 11.68 -13.89 15.77
C ARG C 297 12.63 -14.61 14.80
N ASN C 298 12.08 -15.53 14.01
CA ASN C 298 12.85 -16.22 12.98
C ASN C 298 13.47 -15.28 11.93
N LEU C 299 12.72 -14.25 11.53
CA LEU C 299 13.18 -13.33 10.49
C LEU C 299 14.24 -12.35 11.01
N TRP C 300 13.88 -11.68 12.11
CA TRP C 300 14.61 -10.54 12.61
C TRP C 300 15.67 -10.86 13.66
N GLY C 301 15.46 -11.93 14.42
CA GLY C 301 16.42 -12.36 15.42
C GLY C 301 16.05 -11.94 16.82
N PRO C 302 17.05 -11.84 17.72
CA PRO C 302 16.75 -11.69 19.14
C PRO C 302 16.18 -10.33 19.56
N TYR C 303 16.17 -9.35 18.66
CA TYR C 303 15.52 -8.06 18.95
C TYR C 303 14.26 -7.84 18.11
N ALA C 304 13.55 -8.93 17.82
CA ALA C 304 12.34 -8.90 16.96
C ALA C 304 11.25 -7.94 17.46
N GLY C 305 11.04 -7.90 18.78
CA GLY C 305 10.16 -6.90 19.37
C GLY C 305 10.48 -5.46 18.96
N TRP C 306 11.77 -5.13 18.92
CA TRP C 306 12.22 -3.77 18.57
C TRP C 306 11.99 -3.44 17.10
N ALA C 307 12.33 -4.40 16.23
CA ALA C 307 12.03 -4.27 14.81
C ALA C 307 10.53 -4.01 14.61
N GLN C 308 9.70 -4.73 15.37
CA GLN C 308 8.25 -4.56 15.27
C GLN C 308 7.82 -3.13 15.60
N ALA C 309 8.38 -2.58 16.68
CA ALA C 309 8.06 -1.20 17.11
C ALA C 309 8.38 -0.21 16.00
N VAL C 310 9.46 -0.45 15.26
CA VAL C 310 9.80 0.44 14.14
C VAL C 310 8.68 0.39 13.08
N LEU C 311 8.21 -0.82 12.75
CA LEU C 311 7.09 -0.96 11.81
C LEU C 311 5.82 -0.28 12.30
N PHE C 312 5.49 -0.52 13.57
CA PHE C 312 4.35 0.15 14.22
C PHE C 312 4.42 1.67 14.09
N SER C 313 5.59 2.24 14.38
CA SER C 313 5.79 3.68 14.29
C SER C 313 5.53 4.23 12.88
N ALA C 314 6.07 3.55 11.88
CA ALA C 314 5.92 3.99 10.49
C ALA C 314 4.47 3.91 10.00
N ASP C 315 3.79 2.83 10.39
CA ASP C 315 2.38 2.64 10.04
C ASP C 315 1.56 3.84 10.55
N LEU C 316 1.74 4.18 11.83
CA LEU C 316 1.27 5.46 12.39
C LEU C 316 2.05 6.63 11.80
NI NI D . -3.69 -14.07 1.91
#